data_2TLD
# 
_entry.id   2TLD 
# 
_audit_conform.dict_name       mmcif_pdbx.dic 
_audit_conform.dict_version    5.387 
_audit_conform.dict_location   http://mmcif.pdb.org/dictionaries/ascii/mmcif_pdbx.dic 
# 
loop_
_database_2.database_id 
_database_2.database_code 
_database_2.pdbx_database_accession 
_database_2.pdbx_DOI 
PDB   2TLD         pdb_00002tld 10.2210/pdb2tld/pdb 
WWPDB D_1000178679 ?            ?                   
# 
loop_
_pdbx_audit_revision_history.ordinal 
_pdbx_audit_revision_history.data_content_type 
_pdbx_audit_revision_history.major_revision 
_pdbx_audit_revision_history.minor_revision 
_pdbx_audit_revision_history.revision_date 
1 'Structure model' 1 0 1992-07-15 
2 'Structure model' 1 1 2008-03-03 
3 'Structure model' 1 2 2011-07-13 
4 'Structure model' 1 3 2024-02-21 
# 
_pdbx_audit_revision_details.ordinal             1 
_pdbx_audit_revision_details.revision_ordinal    1 
_pdbx_audit_revision_details.data_content_type   'Structure model' 
_pdbx_audit_revision_details.provider            repository 
_pdbx_audit_revision_details.type                'Initial release' 
_pdbx_audit_revision_details.description         ? 
_pdbx_audit_revision_details.details             ? 
# 
loop_
_pdbx_audit_revision_group.ordinal 
_pdbx_audit_revision_group.revision_ordinal 
_pdbx_audit_revision_group.data_content_type 
_pdbx_audit_revision_group.group 
1 2 'Structure model' 'Version format compliance' 
2 3 'Structure model' 'Version format compliance' 
3 4 'Structure model' 'Data collection'           
4 4 'Structure model' 'Database references'       
5 4 'Structure model' Other                       
# 
loop_
_pdbx_audit_revision_category.ordinal 
_pdbx_audit_revision_category.revision_ordinal 
_pdbx_audit_revision_category.data_content_type 
_pdbx_audit_revision_category.category 
1 4 'Structure model' chem_comp_atom       
2 4 'Structure model' chem_comp_bond       
3 4 'Structure model' database_2           
4 4 'Structure model' pdbx_database_status 
5 4 'Structure model' struct_ref_seq_dif   
# 
loop_
_pdbx_audit_revision_item.ordinal 
_pdbx_audit_revision_item.revision_ordinal 
_pdbx_audit_revision_item.data_content_type 
_pdbx_audit_revision_item.item 
1 4 'Structure model' '_database_2.pdbx_DOI'                
2 4 'Structure model' '_database_2.pdbx_database_accession' 
3 4 'Structure model' '_pdbx_database_status.process_site'  
4 4 'Structure model' '_struct_ref_seq_dif.details'         
# 
_pdbx_database_status.status_code                     REL 
_pdbx_database_status.entry_id                        2TLD 
_pdbx_database_status.recvd_initial_deposition_date   1991-09-16 
_pdbx_database_status.deposit_site                    ? 
_pdbx_database_status.process_site                    BNL 
_pdbx_database_status.SG_entry                        . 
_pdbx_database_status.status_code_sf                  ? 
_pdbx_database_status.status_code_mr                  ? 
_pdbx_database_status.status_code_cs                  ? 
_pdbx_database_status.pdb_format_compatible           Y 
_pdbx_database_status.status_code_nmr_data            ? 
_pdbx_database_status.methods_development_category    ? 
# 
loop_
_pdbx_database_related.db_name 
_pdbx_database_related.db_id 
_pdbx_database_related.details 
_pdbx_database_related.content_type 
PDB 2SIC 'COMPLEX OF SUBTILISIN BPN WITH WILD STRETOMYCES SUBTILISIN INHIBITOR' unspecified 
PDB 3SIC .                                                                      unspecified 
# 
loop_
_audit_author.name 
_audit_author.pdbx_ordinal 
'Mitsui, Y.'     1 
'Takeuchi, Y.'   2 
'Nonaka, T.'     3 
'Nakamura, K.T.' 4 
# 
loop_
_citation.id 
_citation.title 
_citation.journal_abbrev 
_citation.journal_volume 
_citation.page_first 
_citation.page_last 
_citation.year 
_citation.journal_id_ASTM 
_citation.country 
_citation.journal_id_ISSN 
_citation.journal_id_CSD 
_citation.book_publisher 
_citation.pdbx_database_id_PubMed 
_citation.pdbx_database_id_DOI 
primary 'Crystal structure of an engineered subtilisin inhibitor complexed with bovine trypsin.' Proc.Natl.Acad.Sci.USA 89  4407 
4411 1992 PNASA6 US 0027-8424 0040 ? 1584773 10.1073/pnas.89.10.4407 
1       
;Refined Crystal Structure of the Complex of Subtilisin Bpn' and Streptomyces Subtilisin Inhibitor at 1.8 Angstroms Resolution
;
J.Mol.Biol.            221 309  ?    1991 JMOBAK UK 0022-2836 0070 ? ?       ?                       
# 
loop_
_citation_author.citation_id 
_citation_author.name 
_citation_author.ordinal 
_citation_author.identifier_ORCID 
primary 'Takeuchi, Y.'   1  ? 
primary 'Nonaka, T.'     2  ? 
primary 'Nakamura, K.T.' 3  ? 
primary 'Kojima, S.'     4  ? 
primary 'Miura, K.'      5  ? 
primary 'Mitsui, Y.'     6  ? 
1       'Takeuchi, Y.'   7  ? 
1       'Satow, Y.'      8  ? 
1       'Nakamura, K.T.' 9  ? 
1       'Mitsui, Y.'     10 ? 
# 
loop_
_entity.id 
_entity.type 
_entity.src_method 
_entity.pdbx_description 
_entity.formula_weight 
_entity.pdbx_number_of_molecules 
_entity.pdbx_ec 
_entity.pdbx_mutation 
_entity.pdbx_fragment 
_entity.details 
1 polymer man TRYPSIN                                   22903.805 1 3.4.21.4 ? ? ? 
2 polymer man 'STREPTOMYCES SUBTILISIN INHIBITOR (SSI)' 11135.486 1 ?        ? ? ? 
# 
loop_
_entity_poly.entity_id 
_entity_poly.type 
_entity_poly.nstd_linkage 
_entity_poly.nstd_monomer 
_entity_poly.pdbx_seq_one_letter_code 
_entity_poly.pdbx_seq_one_letter_code_can 
_entity_poly.pdbx_strand_id 
_entity_poly.pdbx_target_identifier 
1 'polypeptide(L)' no no 
;IVGGYTCGANTVPYQVSLNSGYHFCGGSLINSQWVVSAAHCYKSGIQVRLGEDNINVVEGNEQFISASKSIVHPSYNSNT
LNNDIMLIKLKSAASLNSRVASISLPTSCASAGTQCLISGWGNTKSSGTSYPDVLKCLKAPILSDSSCKSAYPGQITSNM
FCAGLEGGDSCQGDSGGPVVCSGKLQGIVSWGSGCAKNKPGVYTKVCNYVSWIKQTIASN
;
;IVGGYTCGANTVPYQVSLNSGYHFCGGSLINSQWVVSAAHCYKSGIQVRLGEDNINVVEGNEQFISASKSIVHPSYNSNT
LNNDIMLIKLKSAASLNSRVASISLPTSCASAGTQCLISGWGNTKSSGTSYPDVLKCLKAPILSDSSCKSAYPGQITSNM
FCAGLEGGDSCQGDSGGPVVCSGKLQGIVSWGSGCAKNKPGVYTKVCNYVSWIKQTIASN
;
E ? 
2 'polypeptide(L)' no no 
;SALYAPSALVLTVGKGVSATTAAPERAVTLTCAPGPSGTHPAAGSACADLAAVGGDLNALTRGEDVGCPKVYDPVLLTVD
GVWQGKRVSYERVFSNECEMNAHGSSVFAF
;
;SALYAPSALVLTVGKGVSATTAAPERAVTLTCAPGPSGTHPAAGSACADLAAVGGDLNALTRGEDVGCPKVYDPVLLTVD
GVWQGKRVSYERVFSNECEMNAHGSSVFAF
;
I ? 
# 
loop_
_entity_poly_seq.entity_id 
_entity_poly_seq.num 
_entity_poly_seq.mon_id 
_entity_poly_seq.hetero 
1 1   ILE n 
1 2   VAL n 
1 3   GLY n 
1 4   GLY n 
1 5   TYR n 
1 6   THR n 
1 7   CYS n 
1 8   GLY n 
1 9   ALA n 
1 10  ASN n 
1 11  THR n 
1 12  VAL n 
1 13  PRO n 
1 14  TYR n 
1 15  GLN n 
1 16  VAL n 
1 17  SER n 
1 18  LEU n 
1 19  ASN n 
1 20  SER n 
1 21  GLY n 
1 22  TYR n 
1 23  HIS n 
1 24  PHE n 
1 25  CYS n 
1 26  GLY n 
1 27  GLY n 
1 28  SER n 
1 29  LEU n 
1 30  ILE n 
1 31  ASN n 
1 32  SER n 
1 33  GLN n 
1 34  TRP n 
1 35  VAL n 
1 36  VAL n 
1 37  SER n 
1 38  ALA n 
1 39  ALA n 
1 40  HIS n 
1 41  CYS n 
1 42  TYR n 
1 43  LYS n 
1 44  SER n 
1 45  GLY n 
1 46  ILE n 
1 47  GLN n 
1 48  VAL n 
1 49  ARG n 
1 50  LEU n 
1 51  GLY n 
1 52  GLU n 
1 53  ASP n 
1 54  ASN n 
1 55  ILE n 
1 56  ASN n 
1 57  VAL n 
1 58  VAL n 
1 59  GLU n 
1 60  GLY n 
1 61  ASN n 
1 62  GLU n 
1 63  GLN n 
1 64  PHE n 
1 65  ILE n 
1 66  SER n 
1 67  ALA n 
1 68  SER n 
1 69  LYS n 
1 70  SER n 
1 71  ILE n 
1 72  VAL n 
1 73  HIS n 
1 74  PRO n 
1 75  SER n 
1 76  TYR n 
1 77  ASN n 
1 78  SER n 
1 79  ASN n 
1 80  THR n 
1 81  LEU n 
1 82  ASN n 
1 83  ASN n 
1 84  ASP n 
1 85  ILE n 
1 86  MET n 
1 87  LEU n 
1 88  ILE n 
1 89  LYS n 
1 90  LEU n 
1 91  LYS n 
1 92  SER n 
1 93  ALA n 
1 94  ALA n 
1 95  SER n 
1 96  LEU n 
1 97  ASN n 
1 98  SER n 
1 99  ARG n 
1 100 VAL n 
1 101 ALA n 
1 102 SER n 
1 103 ILE n 
1 104 SER n 
1 105 LEU n 
1 106 PRO n 
1 107 THR n 
1 108 SER n 
1 109 CYS n 
1 110 ALA n 
1 111 SER n 
1 112 ALA n 
1 113 GLY n 
1 114 THR n 
1 115 GLN n 
1 116 CYS n 
1 117 LEU n 
1 118 ILE n 
1 119 SER n 
1 120 GLY n 
1 121 TRP n 
1 122 GLY n 
1 123 ASN n 
1 124 THR n 
1 125 LYS n 
1 126 SER n 
1 127 SER n 
1 128 GLY n 
1 129 THR n 
1 130 SER n 
1 131 TYR n 
1 132 PRO n 
1 133 ASP n 
1 134 VAL n 
1 135 LEU n 
1 136 LYS n 
1 137 CYS n 
1 138 LEU n 
1 139 LYS n 
1 140 ALA n 
1 141 PRO n 
1 142 ILE n 
1 143 LEU n 
1 144 SER n 
1 145 ASP n 
1 146 SER n 
1 147 SER n 
1 148 CYS n 
1 149 LYS n 
1 150 SER n 
1 151 ALA n 
1 152 TYR n 
1 153 PRO n 
1 154 GLY n 
1 155 GLN n 
1 156 ILE n 
1 157 THR n 
1 158 SER n 
1 159 ASN n 
1 160 MET n 
1 161 PHE n 
1 162 CYS n 
1 163 ALA n 
1 164 GLY n 
1 165 LEU n 
1 166 GLU n 
1 167 GLY n 
1 168 GLY n 
1 169 ASP n 
1 170 SER n 
1 171 CYS n 
1 172 GLN n 
1 173 GLY n 
1 174 ASP n 
1 175 SER n 
1 176 GLY n 
1 177 GLY n 
1 178 PRO n 
1 179 VAL n 
1 180 VAL n 
1 181 CYS n 
1 182 SER n 
1 183 GLY n 
1 184 LYS n 
1 185 LEU n 
1 186 GLN n 
1 187 GLY n 
1 188 ILE n 
1 189 VAL n 
1 190 SER n 
1 191 TRP n 
1 192 GLY n 
1 193 SER n 
1 194 GLY n 
1 195 CYS n 
1 196 ALA n 
1 197 LYS n 
1 198 ASN n 
1 199 LYS n 
1 200 PRO n 
1 201 GLY n 
1 202 VAL n 
1 203 TYR n 
1 204 THR n 
1 205 LYS n 
1 206 VAL n 
1 207 CYS n 
1 208 ASN n 
1 209 TYR n 
1 210 VAL n 
1 211 SER n 
1 212 TRP n 
1 213 ILE n 
1 214 LYS n 
1 215 GLN n 
1 216 THR n 
1 217 ILE n 
1 218 ALA n 
1 219 SER n 
1 220 ASN n 
2 1   SER n 
2 2   ALA n 
2 3   LEU n 
2 4   TYR n 
2 5   ALA n 
2 6   PRO n 
2 7   SER n 
2 8   ALA n 
2 9   LEU n 
2 10  VAL n 
2 11  LEU n 
2 12  THR n 
2 13  VAL n 
2 14  GLY n 
2 15  LYS n 
2 16  GLY n 
2 17  VAL n 
2 18  SER n 
2 19  ALA n 
2 20  THR n 
2 21  THR n 
2 22  ALA n 
2 23  ALA n 
2 24  PRO n 
2 25  GLU n 
2 26  ARG n 
2 27  ALA n 
2 28  VAL n 
2 29  THR n 
2 30  LEU n 
2 31  THR n 
2 32  CYS n 
2 33  ALA n 
2 34  PRO n 
2 35  GLY n 
2 36  PRO n 
2 37  SER n 
2 38  GLY n 
2 39  THR n 
2 40  HIS n 
2 41  PRO n 
2 42  ALA n 
2 43  ALA n 
2 44  GLY n 
2 45  SER n 
2 46  ALA n 
2 47  CYS n 
2 48  ALA n 
2 49  ASP n 
2 50  LEU n 
2 51  ALA n 
2 52  ALA n 
2 53  VAL n 
2 54  GLY n 
2 55  GLY n 
2 56  ASP n 
2 57  LEU n 
2 58  ASN n 
2 59  ALA n 
2 60  LEU n 
2 61  THR n 
2 62  ARG n 
2 63  GLY n 
2 64  GLU n 
2 65  ASP n 
2 66  VAL n 
2 67  GLY n 
2 68  CYS n 
2 69  PRO n 
2 70  LYS n 
2 71  VAL n 
2 72  TYR n 
2 73  ASP n 
2 74  PRO n 
2 75  VAL n 
2 76  LEU n 
2 77  LEU n 
2 78  THR n 
2 79  VAL n 
2 80  ASP n 
2 81  GLY n 
2 82  VAL n 
2 83  TRP n 
2 84  GLN n 
2 85  GLY n 
2 86  LYS n 
2 87  ARG n 
2 88  VAL n 
2 89  SER n 
2 90  TYR n 
2 91  GLU n 
2 92  ARG n 
2 93  VAL n 
2 94  PHE n 
2 95  SER n 
2 96  ASN n 
2 97  GLU n 
2 98  CYS n 
2 99  GLU n 
2 100 MET n 
2 101 ASN n 
2 102 ALA n 
2 103 HIS n 
2 104 GLY n 
2 105 SER n 
2 106 SER n 
2 107 VAL n 
2 108 PHE n 
2 109 ALA n 
2 110 PHE n 
# 
_entity_src_gen.entity_id                          1 
_entity_src_gen.pdbx_src_id                        1 
_entity_src_gen.pdbx_alt_source_flag               sample 
_entity_src_gen.pdbx_seq_type                      ? 
_entity_src_gen.pdbx_beg_seq_num                   ? 
_entity_src_gen.pdbx_end_seq_num                   ? 
_entity_src_gen.gene_src_common_name               cattle 
_entity_src_gen.gene_src_genus                     Bos 
_entity_src_gen.pdbx_gene_src_gene                 ? 
_entity_src_gen.gene_src_species                   ? 
_entity_src_gen.gene_src_strain                    ? 
_entity_src_gen.gene_src_tissue                    ? 
_entity_src_gen.gene_src_tissue_fraction           ? 
_entity_src_gen.gene_src_details                   ? 
_entity_src_gen.pdbx_gene_src_fragment             ? 
_entity_src_gen.pdbx_gene_src_scientific_name      'Bos taurus' 
_entity_src_gen.pdbx_gene_src_ncbi_taxonomy_id     9913 
_entity_src_gen.pdbx_gene_src_variant              ? 
_entity_src_gen.pdbx_gene_src_cell_line            ? 
_entity_src_gen.pdbx_gene_src_atcc                 ? 
_entity_src_gen.pdbx_gene_src_organ                ? 
_entity_src_gen.pdbx_gene_src_organelle            ? 
_entity_src_gen.pdbx_gene_src_cell                 ? 
_entity_src_gen.pdbx_gene_src_cellular_location    ? 
_entity_src_gen.host_org_common_name               ? 
_entity_src_gen.pdbx_host_org_scientific_name      ? 
_entity_src_gen.pdbx_host_org_ncbi_taxonomy_id     ? 
_entity_src_gen.host_org_genus                     ? 
_entity_src_gen.pdbx_host_org_gene                 ? 
_entity_src_gen.pdbx_host_org_organ                ? 
_entity_src_gen.host_org_species                   ? 
_entity_src_gen.pdbx_host_org_tissue               ? 
_entity_src_gen.pdbx_host_org_tissue_fraction      ? 
_entity_src_gen.pdbx_host_org_strain               ? 
_entity_src_gen.pdbx_host_org_variant              ? 
_entity_src_gen.pdbx_host_org_cell_line            ? 
_entity_src_gen.pdbx_host_org_atcc                 ? 
_entity_src_gen.pdbx_host_org_culture_collection   ? 
_entity_src_gen.pdbx_host_org_cell                 ? 
_entity_src_gen.pdbx_host_org_organelle            ? 
_entity_src_gen.pdbx_host_org_cellular_location    ? 
_entity_src_gen.pdbx_host_org_vector_type          ? 
_entity_src_gen.pdbx_host_org_vector               ? 
_entity_src_gen.host_org_details                   ? 
_entity_src_gen.expression_system_id               ? 
_entity_src_gen.plasmid_name                       ? 
_entity_src_gen.plasmid_details                    ? 
_entity_src_gen.pdbx_description                   ? 
# 
loop_
_chem_comp.id 
_chem_comp.type 
_chem_comp.mon_nstd_flag 
_chem_comp.name 
_chem_comp.pdbx_synonyms 
_chem_comp.formula 
_chem_comp.formula_weight 
ALA 'L-peptide linking' y ALANINE         ? 'C3 H7 N O2'     89.093  
ARG 'L-peptide linking' y ARGININE        ? 'C6 H15 N4 O2 1' 175.209 
ASN 'L-peptide linking' y ASPARAGINE      ? 'C4 H8 N2 O3'    132.118 
ASP 'L-peptide linking' y 'ASPARTIC ACID' ? 'C4 H7 N O4'     133.103 
CYS 'L-peptide linking' y CYSTEINE        ? 'C3 H7 N O2 S'   121.158 
GLN 'L-peptide linking' y GLUTAMINE       ? 'C5 H10 N2 O3'   146.144 
GLU 'L-peptide linking' y 'GLUTAMIC ACID' ? 'C5 H9 N O4'     147.129 
GLY 'peptide linking'   y GLYCINE         ? 'C2 H5 N O2'     75.067  
HIS 'L-peptide linking' y HISTIDINE       ? 'C6 H10 N3 O2 1' 156.162 
ILE 'L-peptide linking' y ISOLEUCINE      ? 'C6 H13 N O2'    131.173 
LEU 'L-peptide linking' y LEUCINE         ? 'C6 H13 N O2'    131.173 
LYS 'L-peptide linking' y LYSINE          ? 'C6 H15 N2 O2 1' 147.195 
MET 'L-peptide linking' y METHIONINE      ? 'C5 H11 N O2 S'  149.211 
PHE 'L-peptide linking' y PHENYLALANINE   ? 'C9 H11 N O2'    165.189 
PRO 'L-peptide linking' y PROLINE         ? 'C5 H9 N O2'     115.130 
SER 'L-peptide linking' y SERINE          ? 'C3 H7 N O3'     105.093 
THR 'L-peptide linking' y THREONINE       ? 'C4 H9 N O3'     119.119 
TRP 'L-peptide linking' y TRYPTOPHAN      ? 'C11 H12 N2 O2'  204.225 
TYR 'L-peptide linking' y TYROSINE        ? 'C9 H11 N O3'    181.189 
VAL 'L-peptide linking' y VALINE          ? 'C5 H11 N O2'    117.146 
# 
loop_
_pdbx_poly_seq_scheme.asym_id 
_pdbx_poly_seq_scheme.entity_id 
_pdbx_poly_seq_scheme.seq_id 
_pdbx_poly_seq_scheme.mon_id 
_pdbx_poly_seq_scheme.ndb_seq_num 
_pdbx_poly_seq_scheme.pdb_seq_num 
_pdbx_poly_seq_scheme.auth_seq_num 
_pdbx_poly_seq_scheme.pdb_mon_id 
_pdbx_poly_seq_scheme.auth_mon_id 
_pdbx_poly_seq_scheme.pdb_strand_id 
_pdbx_poly_seq_scheme.pdb_ins_code 
_pdbx_poly_seq_scheme.hetero 
A 1 1   ILE 1   16  16  ILE ILE E . n 
A 1 2   VAL 2   17  17  VAL VAL E . n 
A 1 3   GLY 3   18  18  GLY GLY E . n 
A 1 4   GLY 4   19  19  GLY GLY E . n 
A 1 5   TYR 5   20  20  TYR TYR E . n 
A 1 6   THR 6   21  21  THR THR E . n 
A 1 7   CYS 7   22  22  CYS CYS E . n 
A 1 8   GLY 8   23  23  GLY GLY E . n 
A 1 9   ALA 9   24  24  ALA ALA E . n 
A 1 10  ASN 10  25  25  ASN ASN E . n 
A 1 11  THR 11  26  26  THR THR E . n 
A 1 12  VAL 12  27  27  VAL VAL E . n 
A 1 13  PRO 13  28  28  PRO PRO E . n 
A 1 14  TYR 14  29  29  TYR TYR E . n 
A 1 15  GLN 15  30  30  GLN GLN E . n 
A 1 16  VAL 16  31  31  VAL VAL E . n 
A 1 17  SER 17  32  32  SER SER E . n 
A 1 18  LEU 18  33  33  LEU LEU E . n 
A 1 19  ASN 19  34  34  ASN ASN E . n 
A 1 20  SER 20  37  37  SER SER E . n 
A 1 21  GLY 21  38  38  GLY GLY E . n 
A 1 22  TYR 22  39  39  TYR TYR E . n 
A 1 23  HIS 23  40  40  HIS HIS E . n 
A 1 24  PHE 24  41  41  PHE PHE E . n 
A 1 25  CYS 25  42  42  CYS CYS E . n 
A 1 26  GLY 26  43  43  GLY GLY E . n 
A 1 27  GLY 27  44  44  GLY GLY E . n 
A 1 28  SER 28  45  45  SER SER E . n 
A 1 29  LEU 29  46  46  LEU LEU E . n 
A 1 30  ILE 30  47  47  ILE ILE E . n 
A 1 31  ASN 31  48  48  ASN ASN E . n 
A 1 32  SER 32  49  49  SER SER E . n 
A 1 33  GLN 33  50  50  GLN GLN E . n 
A 1 34  TRP 34  51  51  TRP TRP E . n 
A 1 35  VAL 35  52  52  VAL VAL E . n 
A 1 36  VAL 36  53  53  VAL VAL E . n 
A 1 37  SER 37  54  54  SER SER E . n 
A 1 38  ALA 38  55  55  ALA ALA E . n 
A 1 39  ALA 39  56  56  ALA ALA E . n 
A 1 40  HIS 40  57  57  HIS HIS E . n 
A 1 41  CYS 41  58  58  CYS CYS E . n 
A 1 42  TYR 42  59  59  TYR TYR E . n 
A 1 43  LYS 43  60  60  LYS LYS E . n 
A 1 44  SER 44  61  61  SER SER E . n 
A 1 45  GLY 45  62  62  GLY GLY E . n 
A 1 46  ILE 46  63  63  ILE ILE E . n 
A 1 47  GLN 47  64  64  GLN GLN E . n 
A 1 48  VAL 48  65  65  VAL VAL E . n 
A 1 49  ARG 49  66  66  ARG ARG E . n 
A 1 50  LEU 50  67  67  LEU LEU E . n 
A 1 51  GLY 51  69  69  GLY GLY E . n 
A 1 52  GLU 52  70  70  GLU GLU E . n 
A 1 53  ASP 53  71  71  ASP ASP E . n 
A 1 54  ASN 54  72  72  ASN ASN E . n 
A 1 55  ILE 55  73  73  ILE ILE E . n 
A 1 56  ASN 56  74  74  ASN ASN E . n 
A 1 57  VAL 57  75  75  VAL VAL E . n 
A 1 58  VAL 58  76  76  VAL VAL E . n 
A 1 59  GLU 59  77  77  GLU GLU E . n 
A 1 60  GLY 60  78  78  GLY GLY E . n 
A 1 61  ASN 61  79  79  ASN ASN E . n 
A 1 62  GLU 62  80  80  GLU GLU E . n 
A 1 63  GLN 63  81  81  GLN GLN E . n 
A 1 64  PHE 64  82  82  PHE PHE E . n 
A 1 65  ILE 65  83  83  ILE ILE E . n 
A 1 66  SER 66  84  84  SER SER E . n 
A 1 67  ALA 67  85  85  ALA ALA E . n 
A 1 68  SER 68  86  86  SER SER E . n 
A 1 69  LYS 69  87  87  LYS LYS E . n 
A 1 70  SER 70  88  88  SER SER E . n 
A 1 71  ILE 71  89  89  ILE ILE E . n 
A 1 72  VAL 72  90  90  VAL VAL E . n 
A 1 73  HIS 73  91  91  HIS HIS E . n 
A 1 74  PRO 74  92  92  PRO PRO E . n 
A 1 75  SER 75  93  93  SER SER E . n 
A 1 76  TYR 76  94  94  TYR TYR E . n 
A 1 77  ASN 77  95  95  ASN ASN E . n 
A 1 78  SER 78  96  96  SER SER E . n 
A 1 79  ASN 79  97  97  ASN ASN E . n 
A 1 80  THR 80  98  98  THR THR E . n 
A 1 81  LEU 81  99  99  LEU LEU E . n 
A 1 82  ASN 82  100 100 ASN ASN E . n 
A 1 83  ASN 83  101 101 ASN ASN E . n 
A 1 84  ASP 84  102 102 ASP ASP E . n 
A 1 85  ILE 85  103 103 ILE ILE E . n 
A 1 86  MET 86  104 104 MET MET E . n 
A 1 87  LEU 87  105 105 LEU LEU E . n 
A 1 88  ILE 88  106 106 ILE ILE E . n 
A 1 89  LYS 89  107 107 LYS LYS E . n 
A 1 90  LEU 90  108 108 LEU LEU E . n 
A 1 91  LYS 91  109 109 LYS LYS E . n 
A 1 92  SER 92  110 110 SER SER E . n 
A 1 93  ALA 93  111 111 ALA ALA E . n 
A 1 94  ALA 94  112 112 ALA ALA E . n 
A 1 95  SER 95  113 113 SER SER E . n 
A 1 96  LEU 96  114 114 LEU LEU E . n 
A 1 97  ASN 97  115 115 ASN ASN E . n 
A 1 98  SER 98  116 116 SER SER E . n 
A 1 99  ARG 99  117 117 ARG ARG E . n 
A 1 100 VAL 100 118 118 VAL VAL E . n 
A 1 101 ALA 101 119 119 ALA ALA E . n 
A 1 102 SER 102 120 120 SER SER E . n 
A 1 103 ILE 103 121 121 ILE ILE E . n 
A 1 104 SER 104 122 122 SER SER E . n 
A 1 105 LEU 105 123 123 LEU LEU E . n 
A 1 106 PRO 106 124 124 PRO PRO E . n 
A 1 107 THR 107 125 125 THR THR E . n 
A 1 108 SER 108 127 127 SER SER E . n 
A 1 109 CYS 109 128 128 CYS CYS E . n 
A 1 110 ALA 110 129 129 ALA ALA E . n 
A 1 111 SER 111 130 130 SER SER E . n 
A 1 112 ALA 112 132 132 ALA ALA E . n 
A 1 113 GLY 113 133 133 GLY GLY E . n 
A 1 114 THR 114 134 134 THR THR E . n 
A 1 115 GLN 115 135 135 GLN GLN E . n 
A 1 116 CYS 116 136 136 CYS CYS E . n 
A 1 117 LEU 117 137 137 LEU LEU E . n 
A 1 118 ILE 118 138 138 ILE ILE E . n 
A 1 119 SER 119 139 139 SER SER E . n 
A 1 120 GLY 120 140 140 GLY GLY E . n 
A 1 121 TRP 121 141 141 TRP TRP E . n 
A 1 122 GLY 122 142 142 GLY GLY E . n 
A 1 123 ASN 123 143 143 ASN ASN E . n 
A 1 124 THR 124 144 144 THR THR E . n 
A 1 125 LYS 125 145 145 LYS LYS E . n 
A 1 126 SER 126 146 146 SER SER E . n 
A 1 127 SER 127 147 147 SER SER E . n 
A 1 128 GLY 128 148 148 GLY GLY E . n 
A 1 129 THR 129 149 149 THR THR E . n 
A 1 130 SER 130 150 150 SER SER E . n 
A 1 131 TYR 131 151 151 TYR TYR E . n 
A 1 132 PRO 132 152 152 PRO PRO E . n 
A 1 133 ASP 133 153 153 ASP ASP E . n 
A 1 134 VAL 134 154 154 VAL VAL E . n 
A 1 135 LEU 135 155 155 LEU LEU E . n 
A 1 136 LYS 136 156 156 LYS LYS E . n 
A 1 137 CYS 137 157 157 CYS CYS E . n 
A 1 138 LEU 138 158 158 LEU LEU E . n 
A 1 139 LYS 139 159 159 LYS LYS E . n 
A 1 140 ALA 140 160 160 ALA ALA E . n 
A 1 141 PRO 141 161 161 PRO PRO E . n 
A 1 142 ILE 142 162 162 ILE ILE E . n 
A 1 143 LEU 143 163 163 LEU LEU E . n 
A 1 144 SER 144 164 164 SER SER E . n 
A 1 145 ASP 145 165 165 ASP ASP E . n 
A 1 146 SER 146 166 166 SER SER E . n 
A 1 147 SER 147 167 167 SER SER E . n 
A 1 148 CYS 148 168 168 CYS CYS E . n 
A 1 149 LYS 149 169 169 LYS LYS E . n 
A 1 150 SER 150 170 170 SER SER E . n 
A 1 151 ALA 151 171 171 ALA ALA E . n 
A 1 152 TYR 152 172 172 TYR TYR E . n 
A 1 153 PRO 153 173 173 PRO PRO E . n 
A 1 154 GLY 154 174 174 GLY GLY E . n 
A 1 155 GLN 155 175 175 GLN GLN E . n 
A 1 156 ILE 156 176 176 ILE ILE E . n 
A 1 157 THR 157 177 177 THR THR E . n 
A 1 158 SER 158 178 178 SER SER E . n 
A 1 159 ASN 159 179 179 ASN ASN E . n 
A 1 160 MET 160 180 180 MET MET E . n 
A 1 161 PHE 161 181 181 PHE PHE E . n 
A 1 162 CYS 162 182 182 CYS CYS E . n 
A 1 163 ALA 163 183 183 ALA ALA E . n 
A 1 164 GLY 164 184 184 GLY GLY E . n 
A 1 165 LEU 165 185 185 LEU LEU E . n 
A 1 166 GLU 166 186 186 GLU GLU E . n 
A 1 167 GLY 167 187 187 GLY GLY E . n 
A 1 168 GLY 168 188 188 GLY GLY E . n 
A 1 169 ASP 169 189 189 ASP ASP E . n 
A 1 170 SER 170 190 190 SER SER E . n 
A 1 171 CYS 171 191 191 CYS CYS E . n 
A 1 172 GLN 172 192 192 GLN GLN E . n 
A 1 173 GLY 173 193 193 GLY GLY E . n 
A 1 174 ASP 174 194 194 ASP ASP E . n 
A 1 175 SER 175 195 195 SER SER E . n 
A 1 176 GLY 176 196 196 GLY GLY E . n 
A 1 177 GLY 177 197 197 GLY GLY E . n 
A 1 178 PRO 178 198 198 PRO PRO E . n 
A 1 179 VAL 179 199 199 VAL VAL E . n 
A 1 180 VAL 180 200 200 VAL VAL E . n 
A 1 181 CYS 181 201 201 CYS CYS E . n 
A 1 182 SER 182 202 202 SER SER E . n 
A 1 183 GLY 183 203 203 GLY GLY E . n 
A 1 184 LYS 184 204 204 LYS LYS E . n 
A 1 185 LEU 185 209 209 LEU LEU E . n 
A 1 186 GLN 186 210 210 GLN GLN E . n 
A 1 187 GLY 187 211 211 GLY GLY E . n 
A 1 188 ILE 188 212 212 ILE ILE E . n 
A 1 189 VAL 189 213 213 VAL VAL E . n 
A 1 190 SER 190 214 214 SER SER E . n 
A 1 191 TRP 191 215 215 TRP TRP E . n 
A 1 192 GLY 192 216 216 GLY GLY E . n 
A 1 193 SER 193 217 217 SER SER E . n 
A 1 194 GLY 194 219 219 GLY GLY E . n 
A 1 195 CYS 195 220 220 CYS CYS E . n 
A 1 196 ALA 196 221 221 ALA ALA E . n 
A 1 197 LYS 197 222 222 LYS LYS E . n 
A 1 198 ASN 198 223 223 ASN ASN E . n 
A 1 199 LYS 199 224 224 LYS LYS E . n 
A 1 200 PRO 200 225 225 PRO PRO E . n 
A 1 201 GLY 201 226 226 GLY GLY E . n 
A 1 202 VAL 202 227 227 VAL VAL E . n 
A 1 203 TYR 203 228 228 TYR TYR E . n 
A 1 204 THR 204 229 229 THR THR E . n 
A 1 205 LYS 205 230 230 LYS LYS E . n 
A 1 206 VAL 206 231 231 VAL VAL E . n 
A 1 207 CYS 207 232 232 CYS CYS E . n 
A 1 208 ASN 208 233 233 ASN ASN E . n 
A 1 209 TYR 209 234 234 TYR TYR E . n 
A 1 210 VAL 210 235 235 VAL VAL E . n 
A 1 211 SER 211 236 236 SER SER E . n 
A 1 212 TRP 212 237 237 TRP TRP E . n 
A 1 213 ILE 213 238 238 ILE ILE E . n 
A 1 214 LYS 214 239 239 LYS LYS E . n 
A 1 215 GLN 215 240 240 GLN GLN E . n 
A 1 216 THR 216 241 241 THR THR E . n 
A 1 217 ILE 217 242 242 ILE ILE E . n 
A 1 218 ALA 218 243 243 ALA ALA E . n 
A 1 219 SER 219 244 244 SER SER E . n 
A 1 220 ASN 220 245 245 ASN ASN E . n 
B 2 1   SER 1   4   4   SER SER I . n 
B 2 2   ALA 2   5   5   ALA ALA I . n 
B 2 3   LEU 3   6   6   LEU LEU I . n 
B 2 4   TYR 4   7   7   TYR TYR I . n 
B 2 5   ALA 5   8   8   ALA ALA I . n 
B 2 6   PRO 6   9   9   PRO PRO I . n 
B 2 7   SER 7   10  10  SER SER I . n 
B 2 8   ALA 8   11  11  ALA ALA I . n 
B 2 9   LEU 9   12  12  LEU LEU I . n 
B 2 10  VAL 10  13  13  VAL VAL I . n 
B 2 11  LEU 11  14  14  LEU LEU I . n 
B 2 12  THR 12  15  15  THR THR I . n 
B 2 13  VAL 13  16  16  VAL VAL I . n 
B 2 14  GLY 14  17  17  GLY GLY I . n 
B 2 15  LYS 15  18  18  LYS LYS I . n 
B 2 16  GLY 16  19  19  GLY GLY I . n 
B 2 17  VAL 17  20  20  VAL VAL I . n 
B 2 18  SER 18  21  21  SER SER I . n 
B 2 19  ALA 19  22  22  ALA ALA I . n 
B 2 20  THR 20  23  23  THR THR I . n 
B 2 21  THR 21  24  24  THR THR I . n 
B 2 22  ALA 22  25  25  ALA ALA I . n 
B 2 23  ALA 23  26  26  ALA ALA I . n 
B 2 24  PRO 24  27  27  PRO PRO I . n 
B 2 25  GLU 25  28  28  GLU GLU I . n 
B 2 26  ARG 26  29  29  ARG ARG I . n 
B 2 27  ALA 27  30  30  ALA ALA I . n 
B 2 28  VAL 28  31  31  VAL VAL I . n 
B 2 29  THR 29  32  32  THR THR I . n 
B 2 30  LEU 30  33  33  LEU LEU I . n 
B 2 31  THR 31  34  34  THR THR I . n 
B 2 32  CYS 32  35  35  CYS CYS I . n 
B 2 33  ALA 33  36  36  ALA ALA I . n 
B 2 34  PRO 34  37  37  PRO PRO I . n 
B 2 35  GLY 35  38  38  GLY GLY I . n 
B 2 36  PRO 36  39  39  PRO PRO I . n 
B 2 37  SER 37  40  40  SER SER I . n 
B 2 38  GLY 38  41  41  GLY GLY I . n 
B 2 39  THR 39  42  42  THR THR I . n 
B 2 40  HIS 40  43  43  HIS HIS I . n 
B 2 41  PRO 41  44  44  PRO PRO I . n 
B 2 42  ALA 42  45  45  ALA ALA I . n 
B 2 43  ALA 43  46  46  ALA ALA I . n 
B 2 44  GLY 44  47  47  GLY GLY I . n 
B 2 45  SER 45  48  48  SER SER I . n 
B 2 46  ALA 46  49  49  ALA ALA I . n 
B 2 47  CYS 47  50  50  CYS CYS I . n 
B 2 48  ALA 48  51  51  ALA ALA I . n 
B 2 49  ASP 49  52  52  ASP ASP I . n 
B 2 50  LEU 50  53  53  LEU LEU I . n 
B 2 51  ALA 51  54  54  ALA ALA I . n 
B 2 52  ALA 52  55  55  ALA ALA I . n 
B 2 53  VAL 53  56  56  VAL VAL I . n 
B 2 54  GLY 54  57  57  GLY GLY I . n 
B 2 55  GLY 55  58  58  GLY GLY I . n 
B 2 56  ASP 56  59  59  ASP ASP I . n 
B 2 57  LEU 57  60  60  LEU LEU I . n 
B 2 58  ASN 58  61  61  ASN ASN I . n 
B 2 59  ALA 59  62  62  ALA ALA I . n 
B 2 60  LEU 60  63  63  LEU LEU I . n 
B 2 61  THR 61  64  64  THR THR I . n 
B 2 62  ARG 62  65  65  ARG ARG I . n 
B 2 63  GLY 63  66  66  GLY GLY I . n 
B 2 64  GLU 64  67  67  GLU GLU I . n 
B 2 65  ASP 65  68  68  ASP ASP I . n 
B 2 66  VAL 66  69  69  VAL VAL I . n 
B 2 67  GLY 67  70  70  GLY GLY I . n 
B 2 68  CYS 68  71  71  CYS CYS I . n 
B 2 69  PRO 69  72  72  PRO PRO I . n 
B 2 70  LYS 70  73  73  LYS LYS I . n 
B 2 71  VAL 71  74  74  VAL VAL I . n 
B 2 72  TYR 72  75  75  TYR TYR I . n 
B 2 73  ASP 73  76  76  ASP ASP I . n 
B 2 74  PRO 74  77  77  PRO PRO I . n 
B 2 75  VAL 75  78  78  VAL VAL I . n 
B 2 76  LEU 76  79  79  LEU LEU I . n 
B 2 77  LEU 77  80  80  LEU LEU I . n 
B 2 78  THR 78  81  81  THR THR I . n 
B 2 79  VAL 79  82  82  VAL VAL I . n 
B 2 80  ASP 80  83  83  ASP ASP I . n 
B 2 81  GLY 81  84  84  GLY GLY I . n 
B 2 82  VAL 82  85  85  VAL VAL I . n 
B 2 83  TRP 83  86  86  TRP TRP I . n 
B 2 84  GLN 84  87  87  GLN GLN I . n 
B 2 85  GLY 85  88  88  GLY GLY I . n 
B 2 86  LYS 86  89  89  LYS LYS I . n 
B 2 87  ARG 87  90  90  ARG ARG I . n 
B 2 88  VAL 88  91  91  VAL VAL I . n 
B 2 89  SER 89  92  92  SER SER I . n 
B 2 90  TYR 90  93  93  TYR TYR I . n 
B 2 91  GLU 91  94  94  GLU GLU I . n 
B 2 92  ARG 92  95  95  ARG ARG I . n 
B 2 93  VAL 93  96  96  VAL VAL I . n 
B 2 94  PHE 94  97  97  PHE PHE I . n 
B 2 95  SER 95  98  98  SER SER I . n 
B 2 96  ASN 96  99  99  ASN ASN I . n 
B 2 97  GLU 97  100 100 GLU GLU I . n 
B 2 98  CYS 98  101 101 CYS CYS I . n 
B 2 99  GLU 99  102 102 GLU GLU I . n 
B 2 100 MET 100 103 103 MET MET I . n 
B 2 101 ASN 101 104 104 ASN ASN I . n 
B 2 102 ALA 102 105 105 ALA ALA I . n 
B 2 103 HIS 103 106 106 HIS HIS I . n 
B 2 104 GLY 104 107 107 GLY GLY I . n 
B 2 105 SER 105 108 108 SER SER I . n 
B 2 106 SER 106 109 109 SER SER I . n 
B 2 107 VAL 107 110 110 VAL VAL I . n 
B 2 108 PHE 108 111 111 PHE PHE I . n 
B 2 109 ALA 109 112 112 ALA ALA I . n 
B 2 110 PHE 110 113 113 PHE PHE I . n 
# 
_software.name             X-PLOR 
_software.classification   refinement 
_software.version          . 
_software.citation_id      ? 
_software.pdbx_ordinal     1 
# 
_cell.entry_id           2TLD 
_cell.length_a           110.900 
_cell.length_b           116.800 
_cell.length_c           64.300 
_cell.angle_alpha        90.00 
_cell.angle_beta         90.00 
_cell.angle_gamma        90.00 
_cell.Z_PDB              8 
_cell.pdbx_unique_axis   ? 
_cell.length_a_esd       ? 
_cell.length_b_esd       ? 
_cell.length_c_esd       ? 
_cell.angle_alpha_esd    ? 
_cell.angle_beta_esd     ? 
_cell.angle_gamma_esd    ? 
# 
_symmetry.entry_id                         2TLD 
_symmetry.space_group_name_H-M             'I 2 2 2' 
_symmetry.pdbx_full_space_group_name_H-M   ? 
_symmetry.cell_setting                     ? 
_symmetry.Int_Tables_number                23 
_symmetry.space_group_name_Hall            ? 
# 
_exptl.entry_id          2TLD 
_exptl.method            'X-RAY DIFFRACTION' 
_exptl.crystals_number   ? 
# 
_exptl_crystal.id                    1 
_exptl_crystal.density_meas          ? 
_exptl_crystal.density_Matthews      3.06 
_exptl_crystal.density_percent_sol   59.77 
_exptl_crystal.description           ? 
_exptl_crystal.F_000                 ? 
_exptl_crystal.preparation           ? 
# 
_diffrn.id                     1 
_diffrn.ambient_temp           ? 
_diffrn.ambient_temp_details   ? 
_diffrn.crystal_id             1 
# 
_diffrn_radiation.diffrn_id                        1 
_diffrn_radiation.wavelength_id                    1 
_diffrn_radiation.monochromator                    ? 
_diffrn_radiation.pdbx_monochromatic_or_laue_m_l   ? 
_diffrn_radiation.pdbx_diffrn_protocol             ? 
_diffrn_radiation.pdbx_scattering_type             x-ray 
# 
_diffrn_radiation_wavelength.id           1 
_diffrn_radiation_wavelength.wavelength   . 
_diffrn_radiation_wavelength.wt           1.0 
# 
_refine.entry_id                                 2TLD 
_refine.ls_number_reflns_obs                     6166 
_refine.ls_number_reflns_all                     ? 
_refine.pdbx_ls_sigma_I                          ? 
_refine.pdbx_ls_sigma_F                          ? 
_refine.pdbx_data_cutoff_high_absF               ? 
_refine.pdbx_data_cutoff_low_absF                ? 
_refine.pdbx_data_cutoff_high_rms_absF           ? 
_refine.ls_d_res_low                             8.0 
_refine.ls_d_res_high                            2.6 
_refine.ls_percent_reflns_obs                    ? 
_refine.ls_R_factor_obs                          ? 
_refine.ls_R_factor_all                          ? 
_refine.ls_R_factor_R_work                       0.173 
_refine.ls_R_factor_R_free                       ? 
_refine.ls_R_factor_R_free_error                 ? 
_refine.ls_R_factor_R_free_error_details         ? 
_refine.ls_percent_reflns_R_free                 ? 
_refine.ls_number_reflns_R_free                  ? 
_refine.ls_number_parameters                     ? 
_refine.ls_number_restraints                     ? 
_refine.occupancy_min                            ? 
_refine.occupancy_max                            ? 
_refine.B_iso_mean                               ? 
_refine.aniso_B[1][1]                            ? 
_refine.aniso_B[2][2]                            ? 
_refine.aniso_B[3][3]                            ? 
_refine.aniso_B[1][2]                            ? 
_refine.aniso_B[1][3]                            ? 
_refine.aniso_B[2][3]                            ? 
_refine.solvent_model_details                    ? 
_refine.solvent_model_param_ksol                 ? 
_refine.solvent_model_param_bsol                 ? 
_refine.pdbx_ls_cross_valid_method               ? 
_refine.details                                  ? 
_refine.pdbx_starting_model                      ? 
_refine.pdbx_method_to_determine_struct          ? 
_refine.pdbx_isotropic_thermal_model             ? 
_refine.pdbx_stereochemistry_target_values       ? 
_refine.pdbx_stereochem_target_val_spec_case     ? 
_refine.pdbx_R_Free_selection_details            ? 
_refine.pdbx_overall_ESU_R                       ? 
_refine.pdbx_overall_ESU_R_Free                  ? 
_refine.overall_SU_ML                            ? 
_refine.overall_SU_B                             ? 
_refine.pdbx_refine_id                           'X-RAY DIFFRACTION' 
_refine.ls_redundancy_reflns_obs                 ? 
_refine.pdbx_overall_phase_error                 ? 
_refine.B_iso_min                                ? 
_refine.B_iso_max                                ? 
_refine.correlation_coeff_Fo_to_Fc               ? 
_refine.correlation_coeff_Fo_to_Fc_free          ? 
_refine.pdbx_solvent_vdw_probe_radii             ? 
_refine.pdbx_solvent_ion_probe_radii             ? 
_refine.pdbx_solvent_shrinkage_radii             ? 
_refine.overall_SU_R_Cruickshank_DPI             ? 
_refine.overall_SU_R_free                        ? 
_refine.ls_wR_factor_R_free                      ? 
_refine.ls_wR_factor_R_work                      ? 
_refine.overall_FOM_free_R_set                   ? 
_refine.overall_FOM_work_R_set                   ? 
_refine.pdbx_diffrn_id                           1 
_refine.pdbx_TLS_residual_ADP_flag               ? 
_refine.pdbx_overall_SU_R_free_Cruickshank_DPI   ? 
_refine.pdbx_overall_SU_R_Blow_DPI               ? 
_refine.pdbx_overall_SU_R_free_Blow_DPI          ? 
# 
_refine_hist.pdbx_refine_id                   'X-RAY DIFFRACTION' 
_refine_hist.cycle_id                         LAST 
_refine_hist.pdbx_number_atoms_protein        330 
_refine_hist.pdbx_number_atoms_nucleic_acid   0 
_refine_hist.pdbx_number_atoms_ligand         0 
_refine_hist.number_atoms_solvent             0 
_refine_hist.number_atoms_total               330 
_refine_hist.d_res_high                       2.6 
_refine_hist.d_res_low                        8.0 
# 
loop_
_refine_ls_restr.type 
_refine_ls_restr.dev_ideal 
_refine_ls_restr.dev_ideal_target 
_refine_ls_restr.weight 
_refine_ls_restr.number 
_refine_ls_restr.pdbx_refine_id 
_refine_ls_restr.pdbx_restraint_function 
x_bond_d                0.020 ? ? ? 'X-RAY DIFFRACTION' ? 
x_bond_d_na             ?     ? ? ? 'X-RAY DIFFRACTION' ? 
x_bond_d_prot           ?     ? ? ? 'X-RAY DIFFRACTION' ? 
x_angle_d               ?     ? ? ? 'X-RAY DIFFRACTION' ? 
x_angle_d_na            ?     ? ? ? 'X-RAY DIFFRACTION' ? 
x_angle_d_prot          ?     ? ? ? 'X-RAY DIFFRACTION' ? 
x_angle_deg             4.3   ? ? ? 'X-RAY DIFFRACTION' ? 
x_angle_deg_na          ?     ? ? ? 'X-RAY DIFFRACTION' ? 
x_angle_deg_prot        ?     ? ? ? 'X-RAY DIFFRACTION' ? 
x_dihedral_angle_d      ?     ? ? ? 'X-RAY DIFFRACTION' ? 
x_dihedral_angle_d_na   ?     ? ? ? 'X-RAY DIFFRACTION' ? 
x_dihedral_angle_d_prot ?     ? ? ? 'X-RAY DIFFRACTION' ? 
x_improper_angle_d      ?     ? ? ? 'X-RAY DIFFRACTION' ? 
x_improper_angle_d_na   ?     ? ? ? 'X-RAY DIFFRACTION' ? 
x_improper_angle_d_prot ?     ? ? ? 'X-RAY DIFFRACTION' ? 
x_mcbond_it             ?     ? ? ? 'X-RAY DIFFRACTION' ? 
x_mcangle_it            ?     ? ? ? 'X-RAY DIFFRACTION' ? 
x_scbond_it             ?     ? ? ? 'X-RAY DIFFRACTION' ? 
x_scangle_it            ?     ? ? ? 'X-RAY DIFFRACTION' ? 
# 
_struct.entry_id                  2TLD 
_struct.title                     'CRYSTAL STRUCTURE OF AN ENGINEERED SUBTILISIN INHIBITOR COMPLEXED WITH BOVINE TRYPSIN' 
_struct.pdbx_model_details        ? 
_struct.pdbx_CASP_flag            ? 
_struct.pdbx_model_type_details   ? 
# 
_struct_keywords.entry_id        2TLD 
_struct_keywords.pdbx_keywords   'HYDROLASE/HYDROLASE INHIBITOR' 
_struct_keywords.text            'PROTEINASE, HYDROLASE-HYDROLASE INHIBITOR COMPLEX, TRYPSIN)' 
# 
loop_
_struct_asym.id 
_struct_asym.pdbx_blank_PDB_chainid_flag 
_struct_asym.pdbx_modified 
_struct_asym.entity_id 
_struct_asym.details 
A N N 1 ? 
B N N 2 ? 
# 
loop_
_struct_ref.id 
_struct_ref.db_name 
_struct_ref.db_code 
_struct_ref.entity_id 
_struct_ref.pdbx_db_accession 
_struct_ref.pdbx_align_begin 
_struct_ref.pdbx_seq_one_letter_code 
_struct_ref.pdbx_db_isoform 
1 UNP TRY1_BOVIN 1 P00760 1 
;FIFLALLGAAVAFPVDDDDKIVGGYTCGANTVPYQVSLNSGYHFCGGSLINSQWVVSAAHCYKSGIQVRLGEDNINVVEG
NEQFISASKSIVHPSYNSNTLNNDIMLIKLKSAASLNSRVASISLPTSCASAGTQCLISGWGNTKSSGTSYPDVLKCLKA
PILSDSSCKSAYPGQITSNMFCAGYLEGGKDSCQGDSGGPVVCSGKLQGIVSWGSGCAQKNKPGVYTKVCNYVSWIKQTI
ASN
;
? 
2 UNP SSI_STRAO  2 P01006 1 
;MRNTGAGPSPSVSRPPPSAAPLSGAALAAPGDAPSALYAPSALVLTVGKGVSATTAAPERAVTLTCAPGPSGTHPAAGSA
CADLAAVGGDLNALTRGEDVMCPMVYDPVLLTVDGVWQGKRVSYERVFSNECEMNAHGSSVFAF
;
? 
# 
loop_
_struct_ref_seq.align_id 
_struct_ref_seq.ref_id 
_struct_ref_seq.pdbx_PDB_id_code 
_struct_ref_seq.pdbx_strand_id 
_struct_ref_seq.seq_align_beg 
_struct_ref_seq.pdbx_seq_align_beg_ins_code 
_struct_ref_seq.seq_align_end 
_struct_ref_seq.pdbx_seq_align_end_ins_code 
_struct_ref_seq.pdbx_db_accession 
_struct_ref_seq.db_align_beg 
_struct_ref_seq.pdbx_db_align_beg_ins_code 
_struct_ref_seq.db_align_end 
_struct_ref_seq.pdbx_db_align_end_ins_code 
_struct_ref_seq.pdbx_auth_seq_align_beg 
_struct_ref_seq.pdbx_auth_seq_align_end 
1 1 2TLD E 1 ? 220 ? P00760 21 ? 243 ? 16 245 
2 2 2TLD I 1 ? 110 ? P01006 35 ? 144 ? 4  113 
# 
loop_
_struct_ref_seq_dif.align_id 
_struct_ref_seq_dif.pdbx_pdb_id_code 
_struct_ref_seq_dif.mon_id 
_struct_ref_seq_dif.pdbx_pdb_strand_id 
_struct_ref_seq_dif.seq_num 
_struct_ref_seq_dif.pdbx_pdb_ins_code 
_struct_ref_seq_dif.pdbx_seq_db_name 
_struct_ref_seq_dif.pdbx_seq_db_accession_code 
_struct_ref_seq_dif.db_mon_id 
_struct_ref_seq_dif.pdbx_seq_db_seq_num 
_struct_ref_seq_dif.details 
_struct_ref_seq_dif.pdbx_auth_seq_num 
_struct_ref_seq_dif.pdbx_ordinal 
1 2TLD ?   E ?  ? UNP P00760 TYR 185 deletion ?  1 
1 2TLD ?   E ?  ? UNP P00760 LYS 190 deletion ?  2 
1 2TLD ?   E ?  ? UNP P00760 GLN 219 deletion ?  3 
2 2TLD GLY I 67 ? UNP P01006 MET 101 conflict 70 4 
2 2TLD LYS I 70 ? UNP P01006 MET 104 conflict 73 5 
# 
_pdbx_struct_assembly.id                   1 
_pdbx_struct_assembly.details              author_defined_assembly 
_pdbx_struct_assembly.method_details       ? 
_pdbx_struct_assembly.oligomeric_details   dimeric 
_pdbx_struct_assembly.oligomeric_count     2 
# 
_pdbx_struct_assembly_gen.assembly_id       1 
_pdbx_struct_assembly_gen.oper_expression   1 
_pdbx_struct_assembly_gen.asym_id_list      A,B 
# 
_pdbx_struct_oper_list.id                   1 
_pdbx_struct_oper_list.type                 'identity operation' 
_pdbx_struct_oper_list.name                 1_555 
_pdbx_struct_oper_list.symmetry_operation   x,y,z 
_pdbx_struct_oper_list.matrix[1][1]         1.0000000000 
_pdbx_struct_oper_list.matrix[1][2]         0.0000000000 
_pdbx_struct_oper_list.matrix[1][3]         0.0000000000 
_pdbx_struct_oper_list.vector[1]            0.0000000000 
_pdbx_struct_oper_list.matrix[2][1]         0.0000000000 
_pdbx_struct_oper_list.matrix[2][2]         1.0000000000 
_pdbx_struct_oper_list.matrix[2][3]         0.0000000000 
_pdbx_struct_oper_list.vector[2]            0.0000000000 
_pdbx_struct_oper_list.matrix[3][1]         0.0000000000 
_pdbx_struct_oper_list.matrix[3][2]         0.0000000000 
_pdbx_struct_oper_list.matrix[3][3]         1.0000000000 
_pdbx_struct_oper_list.vector[3]            0.0000000000 
# 
_struct_biol.id                    1 
_struct_biol.details               
;SSI IS A DIMERIC MOLECULE (I2) CONSISTING OF TWO IDENTICAL
SUBUNITS.  IT BINDS TWO TRYPSIN  MOLECULES (2E) TO
FORM A DIMERIC COMPLEX E2I2.  THE CRYSTALLOGRAPHIC
ASYMMETRIC UNIT CORRESPONDS TO HALF THE COMPLEX MOLECULE
(EI).  IN THIS ENTRY COORDINATES FOR ALPHA-CARBON ATOMS
ARE PROVIDED FOR ONE CHAIN OF TRYPSIN USING THE CHAIN
IDENTIFIER *E* AND FOR ONE CHAIN OF MODIFIED SSI USING
THE CHAIN IDENTIFIER *I*.

COORDINATES FOR THE OTHER EI COMPLEX CAN BE GENERATED FROM
THE COORDINATES IN THIS ENTRY USING THE FOLLOWING
TRANSFORMATION:

   -1.0     0.0     0.0
    0.0    -1.0     0.0
    0.0     0.0     1.0
;
_struct_biol.pdbx_parent_biol_id   ? 
# 
loop_
_struct_conf.conf_type_id 
_struct_conf.id 
_struct_conf.pdbx_PDB_helix_id 
_struct_conf.beg_label_comp_id 
_struct_conf.beg_label_asym_id 
_struct_conf.beg_label_seq_id 
_struct_conf.pdbx_beg_PDB_ins_code 
_struct_conf.end_label_comp_id 
_struct_conf.end_label_asym_id 
_struct_conf.end_label_seq_id 
_struct_conf.pdbx_end_PDB_ins_code 
_struct_conf.beg_auth_comp_id 
_struct_conf.beg_auth_asym_id 
_struct_conf.beg_auth_seq_id 
_struct_conf.end_auth_comp_id 
_struct_conf.end_auth_asym_id 
_struct_conf.end_auth_seq_id 
_struct_conf.pdbx_PDB_helix_class 
_struct_conf.details 
_struct_conf.pdbx_PDB_helix_length 
HELX_P HELX_P1 H1 SER A 144 ? TYR A 152 ? SER E 164 TYR E 172 1 'SINGLE ALPHA TURN,REST IRREG.' 9  
HELX_P HELX_P2 H2 LYS A 205 ? VAL A 210 ? LYS E 230 VAL E 235 5 'CONTIGUOUS WITH H3'            6  
HELX_P HELX_P3 H3 SER A 211 ? ASN A 220 ? SER E 236 ASN E 245 1 'CONTIGUOUS WITH H2'            10 
HELX_P HELX_P4 H4 ALA B 43  ? VAL B 53  ? ALA I 46  VAL I 56  1 ?                               11 
HELX_P HELX_P5 H5 ASN B 96  ? HIS B 103 ? ASN I 99  HIS I 106 1 ?                               8  
# 
_struct_conf_type.id          HELX_P 
_struct_conf_type.criteria    ? 
_struct_conf_type.reference   ? 
# 
loop_
_struct_sheet.id 
_struct_sheet.type 
_struct_sheet.number_strands 
_struct_sheet.details 
S1 ? 6 ? 
S2 ? 4 ? 
S3 ? 2 ? 
S4 ? 5 ? 
# 
loop_
_struct_sheet_order.sheet_id 
_struct_sheet_order.range_id_1 
_struct_sheet_order.range_id_2 
_struct_sheet_order.offset 
_struct_sheet_order.sense 
S1 1 2 ? anti-parallel 
S1 2 3 ? anti-parallel 
S1 3 4 ? anti-parallel 
S1 4 5 ? anti-parallel 
S1 5 6 ? anti-parallel 
S2 1 2 ? anti-parallel 
S2 2 3 ? anti-parallel 
S2 3 4 ? anti-parallel 
S3 1 2 ? anti-parallel 
S4 1 2 ? anti-parallel 
S4 2 3 ? anti-parallel 
S4 3 4 ? anti-parallel 
S4 4 5 ? anti-parallel 
# 
loop_
_struct_sheet_range.sheet_id 
_struct_sheet_range.id 
_struct_sheet_range.beg_label_comp_id 
_struct_sheet_range.beg_label_asym_id 
_struct_sheet_range.beg_label_seq_id 
_struct_sheet_range.pdbx_beg_PDB_ins_code 
_struct_sheet_range.end_label_comp_id 
_struct_sheet_range.end_label_asym_id 
_struct_sheet_range.end_label_seq_id 
_struct_sheet_range.pdbx_end_PDB_ins_code 
_struct_sheet_range.beg_auth_comp_id 
_struct_sheet_range.beg_auth_asym_id 
_struct_sheet_range.beg_auth_seq_id 
_struct_sheet_range.end_auth_comp_id 
_struct_sheet_range.end_auth_asym_id 
_struct_sheet_range.end_auth_seq_id 
S1 1 LYS A 136 ? PRO A 141 ? LYS E 156 PRO E 161 
S1 2 CYS A 116 ? GLY A 120 ? CYS E 136 GLY E 140 
S1 3 GLY A 177 ? CYS A 181 ? GLY E 197 CYS E 201 
S1 4 LYS A 184 ? TRP A 191 ? LYS E 204 TRP E 215 
S1 5 GLY A 201 ? VAL A 206 ? GLY E 226 VAL E 231 
S1 6 ASN A 159 ? ALA A 163 ? ASN E 179 ALA E 183 
S2 1 GLY A 26  ? SER A 28  ? GLY E 43  SER E 45  
S2 2 VAL A 35  ? ALA A 38  ? VAL E 52  ALA E 55  
S2 3 ILE A 85  ? LYS A 89  ? ILE E 103 LYS E 107 
S2 4 LYS A 69  ? HIS A 73  ? LYS E 87  HIS E 91  
S3 1 ILE A 46  ? LEU A 50  ? ILE E 63  LEU E 67  
S3 2 GLN A 63  ? ALA A 67  ? GLN E 81  ALA E 85  
S4 1 SER B 37  ? THR B 39  ? SER I 40  THR I 42  
S4 2 ARG B 26  ? CYS B 32  ? ARG I 29  CYS I 35  
S4 3 SER B 7   ? GLY B 16  ? SER I 10  GLY I 19  
S4 4 PRO B 74  ? GLN B 84  ? PRO I 77  GLN I 87  
S4 5 LYS B 86  ? PHE B 94  ? LYS I 89  PHE I 97  
# 
loop_
_struct_site.id 
_struct_site.pdbx_evidence_code 
_struct_site.pdbx_auth_asym_id 
_struct_site.pdbx_auth_comp_id 
_struct_site.pdbx_auth_seq_id 
_struct_site.pdbx_auth_ins_code 
_struct_site.pdbx_num_residues 
_struct_site.details 
CAT Author ? ? ? ? 3 'RESIDUES FORMING THE CATALYTIC TRIAD IN TRYPSIN' 
S13 Author ? ? ? ? 3 
;A THREE-RESIDUE POLYPEPTIDE SEGMENT OF SUBTILISIN CAPABLE OF FORMING AN ANTIPARALLEL BETA SHEET WITH THE P1, P2 AND P3 RESIDUES OF A LIGAND
;
RAC Author ? ? ? ? 2 
;RESIDUES OF SSI CONNECTED THROUGH A REACTIVE SITE PEPTIDE BOND (OR A SCISSIBLE BOND) WHICH IS POTENTIALLY CLEAVED BY TARGET ENZYMES INCLUDING TRYPSIN AND SUBTILISIN.
;
# 
loop_
_struct_site_gen.id 
_struct_site_gen.site_id 
_struct_site_gen.pdbx_num_res 
_struct_site_gen.label_comp_id 
_struct_site_gen.label_asym_id 
_struct_site_gen.label_seq_id 
_struct_site_gen.pdbx_auth_ins_code 
_struct_site_gen.auth_comp_id 
_struct_site_gen.auth_asym_id 
_struct_site_gen.auth_seq_id 
_struct_site_gen.label_atom_id 
_struct_site_gen.label_alt_id 
_struct_site_gen.symmetry 
_struct_site_gen.details 
1 CAT 3 ASP A 84  ? ASP E 102 . ? 1_555 ? 
2 CAT 3 HIS A 40  ? HIS E 57  . ? 1_555 ? 
3 CAT 3 SER A 175 ? SER E 195 . ? 1_555 ? 
4 S13 3 SER A 190 ? SER E 214 . ? 1_555 ? 
5 S13 3 TRP A 191 ? TRP E 215 . ? 1_555 ? 
6 S13 3 GLY A 192 ? GLY E 216 . ? 1_555 ? 
7 RAC 2 LYS B 70  ? LYS I 73  . ? 1_555 ? 
8 RAC 2 VAL B 71  ? VAL I 74  . ? 1_555 ? 
# 
loop_
_chem_comp_atom.comp_id 
_chem_comp_atom.atom_id 
_chem_comp_atom.type_symbol 
_chem_comp_atom.pdbx_aromatic_flag 
_chem_comp_atom.pdbx_stereo_config 
_chem_comp_atom.pdbx_ordinal 
ALA N    N N N 1   
ALA CA   C N S 2   
ALA C    C N N 3   
ALA O    O N N 4   
ALA CB   C N N 5   
ALA OXT  O N N 6   
ALA H    H N N 7   
ALA H2   H N N 8   
ALA HA   H N N 9   
ALA HB1  H N N 10  
ALA HB2  H N N 11  
ALA HB3  H N N 12  
ALA HXT  H N N 13  
ARG N    N N N 14  
ARG CA   C N S 15  
ARG C    C N N 16  
ARG O    O N N 17  
ARG CB   C N N 18  
ARG CG   C N N 19  
ARG CD   C N N 20  
ARG NE   N N N 21  
ARG CZ   C N N 22  
ARG NH1  N N N 23  
ARG NH2  N N N 24  
ARG OXT  O N N 25  
ARG H    H N N 26  
ARG H2   H N N 27  
ARG HA   H N N 28  
ARG HB2  H N N 29  
ARG HB3  H N N 30  
ARG HG2  H N N 31  
ARG HG3  H N N 32  
ARG HD2  H N N 33  
ARG HD3  H N N 34  
ARG HE   H N N 35  
ARG HH11 H N N 36  
ARG HH12 H N N 37  
ARG HH21 H N N 38  
ARG HH22 H N N 39  
ARG HXT  H N N 40  
ASN N    N N N 41  
ASN CA   C N S 42  
ASN C    C N N 43  
ASN O    O N N 44  
ASN CB   C N N 45  
ASN CG   C N N 46  
ASN OD1  O N N 47  
ASN ND2  N N N 48  
ASN OXT  O N N 49  
ASN H    H N N 50  
ASN H2   H N N 51  
ASN HA   H N N 52  
ASN HB2  H N N 53  
ASN HB3  H N N 54  
ASN HD21 H N N 55  
ASN HD22 H N N 56  
ASN HXT  H N N 57  
ASP N    N N N 58  
ASP CA   C N S 59  
ASP C    C N N 60  
ASP O    O N N 61  
ASP CB   C N N 62  
ASP CG   C N N 63  
ASP OD1  O N N 64  
ASP OD2  O N N 65  
ASP OXT  O N N 66  
ASP H    H N N 67  
ASP H2   H N N 68  
ASP HA   H N N 69  
ASP HB2  H N N 70  
ASP HB3  H N N 71  
ASP HD2  H N N 72  
ASP HXT  H N N 73  
CYS N    N N N 74  
CYS CA   C N R 75  
CYS C    C N N 76  
CYS O    O N N 77  
CYS CB   C N N 78  
CYS SG   S N N 79  
CYS OXT  O N N 80  
CYS H    H N N 81  
CYS H2   H N N 82  
CYS HA   H N N 83  
CYS HB2  H N N 84  
CYS HB3  H N N 85  
CYS HG   H N N 86  
CYS HXT  H N N 87  
GLN N    N N N 88  
GLN CA   C N S 89  
GLN C    C N N 90  
GLN O    O N N 91  
GLN CB   C N N 92  
GLN CG   C N N 93  
GLN CD   C N N 94  
GLN OE1  O N N 95  
GLN NE2  N N N 96  
GLN OXT  O N N 97  
GLN H    H N N 98  
GLN H2   H N N 99  
GLN HA   H N N 100 
GLN HB2  H N N 101 
GLN HB3  H N N 102 
GLN HG2  H N N 103 
GLN HG3  H N N 104 
GLN HE21 H N N 105 
GLN HE22 H N N 106 
GLN HXT  H N N 107 
GLU N    N N N 108 
GLU CA   C N S 109 
GLU C    C N N 110 
GLU O    O N N 111 
GLU CB   C N N 112 
GLU CG   C N N 113 
GLU CD   C N N 114 
GLU OE1  O N N 115 
GLU OE2  O N N 116 
GLU OXT  O N N 117 
GLU H    H N N 118 
GLU H2   H N N 119 
GLU HA   H N N 120 
GLU HB2  H N N 121 
GLU HB3  H N N 122 
GLU HG2  H N N 123 
GLU HG3  H N N 124 
GLU HE2  H N N 125 
GLU HXT  H N N 126 
GLY N    N N N 127 
GLY CA   C N N 128 
GLY C    C N N 129 
GLY O    O N N 130 
GLY OXT  O N N 131 
GLY H    H N N 132 
GLY H2   H N N 133 
GLY HA2  H N N 134 
GLY HA3  H N N 135 
GLY HXT  H N N 136 
HIS N    N N N 137 
HIS CA   C N S 138 
HIS C    C N N 139 
HIS O    O N N 140 
HIS CB   C N N 141 
HIS CG   C Y N 142 
HIS ND1  N Y N 143 
HIS CD2  C Y N 144 
HIS CE1  C Y N 145 
HIS NE2  N Y N 146 
HIS OXT  O N N 147 
HIS H    H N N 148 
HIS H2   H N N 149 
HIS HA   H N N 150 
HIS HB2  H N N 151 
HIS HB3  H N N 152 
HIS HD1  H N N 153 
HIS HD2  H N N 154 
HIS HE1  H N N 155 
HIS HE2  H N N 156 
HIS HXT  H N N 157 
ILE N    N N N 158 
ILE CA   C N S 159 
ILE C    C N N 160 
ILE O    O N N 161 
ILE CB   C N S 162 
ILE CG1  C N N 163 
ILE CG2  C N N 164 
ILE CD1  C N N 165 
ILE OXT  O N N 166 
ILE H    H N N 167 
ILE H2   H N N 168 
ILE HA   H N N 169 
ILE HB   H N N 170 
ILE HG12 H N N 171 
ILE HG13 H N N 172 
ILE HG21 H N N 173 
ILE HG22 H N N 174 
ILE HG23 H N N 175 
ILE HD11 H N N 176 
ILE HD12 H N N 177 
ILE HD13 H N N 178 
ILE HXT  H N N 179 
LEU N    N N N 180 
LEU CA   C N S 181 
LEU C    C N N 182 
LEU O    O N N 183 
LEU CB   C N N 184 
LEU CG   C N N 185 
LEU CD1  C N N 186 
LEU CD2  C N N 187 
LEU OXT  O N N 188 
LEU H    H N N 189 
LEU H2   H N N 190 
LEU HA   H N N 191 
LEU HB2  H N N 192 
LEU HB3  H N N 193 
LEU HG   H N N 194 
LEU HD11 H N N 195 
LEU HD12 H N N 196 
LEU HD13 H N N 197 
LEU HD21 H N N 198 
LEU HD22 H N N 199 
LEU HD23 H N N 200 
LEU HXT  H N N 201 
LYS N    N N N 202 
LYS CA   C N S 203 
LYS C    C N N 204 
LYS O    O N N 205 
LYS CB   C N N 206 
LYS CG   C N N 207 
LYS CD   C N N 208 
LYS CE   C N N 209 
LYS NZ   N N N 210 
LYS OXT  O N N 211 
LYS H    H N N 212 
LYS H2   H N N 213 
LYS HA   H N N 214 
LYS HB2  H N N 215 
LYS HB3  H N N 216 
LYS HG2  H N N 217 
LYS HG3  H N N 218 
LYS HD2  H N N 219 
LYS HD3  H N N 220 
LYS HE2  H N N 221 
LYS HE3  H N N 222 
LYS HZ1  H N N 223 
LYS HZ2  H N N 224 
LYS HZ3  H N N 225 
LYS HXT  H N N 226 
MET N    N N N 227 
MET CA   C N S 228 
MET C    C N N 229 
MET O    O N N 230 
MET CB   C N N 231 
MET CG   C N N 232 
MET SD   S N N 233 
MET CE   C N N 234 
MET OXT  O N N 235 
MET H    H N N 236 
MET H2   H N N 237 
MET HA   H N N 238 
MET HB2  H N N 239 
MET HB3  H N N 240 
MET HG2  H N N 241 
MET HG3  H N N 242 
MET HE1  H N N 243 
MET HE2  H N N 244 
MET HE3  H N N 245 
MET HXT  H N N 246 
PHE N    N N N 247 
PHE CA   C N S 248 
PHE C    C N N 249 
PHE O    O N N 250 
PHE CB   C N N 251 
PHE CG   C Y N 252 
PHE CD1  C Y N 253 
PHE CD2  C Y N 254 
PHE CE1  C Y N 255 
PHE CE2  C Y N 256 
PHE CZ   C Y N 257 
PHE OXT  O N N 258 
PHE H    H N N 259 
PHE H2   H N N 260 
PHE HA   H N N 261 
PHE HB2  H N N 262 
PHE HB3  H N N 263 
PHE HD1  H N N 264 
PHE HD2  H N N 265 
PHE HE1  H N N 266 
PHE HE2  H N N 267 
PHE HZ   H N N 268 
PHE HXT  H N N 269 
PRO N    N N N 270 
PRO CA   C N S 271 
PRO C    C N N 272 
PRO O    O N N 273 
PRO CB   C N N 274 
PRO CG   C N N 275 
PRO CD   C N N 276 
PRO OXT  O N N 277 
PRO H    H N N 278 
PRO HA   H N N 279 
PRO HB2  H N N 280 
PRO HB3  H N N 281 
PRO HG2  H N N 282 
PRO HG3  H N N 283 
PRO HD2  H N N 284 
PRO HD3  H N N 285 
PRO HXT  H N N 286 
SER N    N N N 287 
SER CA   C N S 288 
SER C    C N N 289 
SER O    O N N 290 
SER CB   C N N 291 
SER OG   O N N 292 
SER OXT  O N N 293 
SER H    H N N 294 
SER H2   H N N 295 
SER HA   H N N 296 
SER HB2  H N N 297 
SER HB3  H N N 298 
SER HG   H N N 299 
SER HXT  H N N 300 
THR N    N N N 301 
THR CA   C N S 302 
THR C    C N N 303 
THR O    O N N 304 
THR CB   C N R 305 
THR OG1  O N N 306 
THR CG2  C N N 307 
THR OXT  O N N 308 
THR H    H N N 309 
THR H2   H N N 310 
THR HA   H N N 311 
THR HB   H N N 312 
THR HG1  H N N 313 
THR HG21 H N N 314 
THR HG22 H N N 315 
THR HG23 H N N 316 
THR HXT  H N N 317 
TRP N    N N N 318 
TRP CA   C N S 319 
TRP C    C N N 320 
TRP O    O N N 321 
TRP CB   C N N 322 
TRP CG   C Y N 323 
TRP CD1  C Y N 324 
TRP CD2  C Y N 325 
TRP NE1  N Y N 326 
TRP CE2  C Y N 327 
TRP CE3  C Y N 328 
TRP CZ2  C Y N 329 
TRP CZ3  C Y N 330 
TRP CH2  C Y N 331 
TRP OXT  O N N 332 
TRP H    H N N 333 
TRP H2   H N N 334 
TRP HA   H N N 335 
TRP HB2  H N N 336 
TRP HB3  H N N 337 
TRP HD1  H N N 338 
TRP HE1  H N N 339 
TRP HE3  H N N 340 
TRP HZ2  H N N 341 
TRP HZ3  H N N 342 
TRP HH2  H N N 343 
TRP HXT  H N N 344 
TYR N    N N N 345 
TYR CA   C N S 346 
TYR C    C N N 347 
TYR O    O N N 348 
TYR CB   C N N 349 
TYR CG   C Y N 350 
TYR CD1  C Y N 351 
TYR CD2  C Y N 352 
TYR CE1  C Y N 353 
TYR CE2  C Y N 354 
TYR CZ   C Y N 355 
TYR OH   O N N 356 
TYR OXT  O N N 357 
TYR H    H N N 358 
TYR H2   H N N 359 
TYR HA   H N N 360 
TYR HB2  H N N 361 
TYR HB3  H N N 362 
TYR HD1  H N N 363 
TYR HD2  H N N 364 
TYR HE1  H N N 365 
TYR HE2  H N N 366 
TYR HH   H N N 367 
TYR HXT  H N N 368 
VAL N    N N N 369 
VAL CA   C N S 370 
VAL C    C N N 371 
VAL O    O N N 372 
VAL CB   C N N 373 
VAL CG1  C N N 374 
VAL CG2  C N N 375 
VAL OXT  O N N 376 
VAL H    H N N 377 
VAL H2   H N N 378 
VAL HA   H N N 379 
VAL HB   H N N 380 
VAL HG11 H N N 381 
VAL HG12 H N N 382 
VAL HG13 H N N 383 
VAL HG21 H N N 384 
VAL HG22 H N N 385 
VAL HG23 H N N 386 
VAL HXT  H N N 387 
# 
loop_
_chem_comp_bond.comp_id 
_chem_comp_bond.atom_id_1 
_chem_comp_bond.atom_id_2 
_chem_comp_bond.value_order 
_chem_comp_bond.pdbx_aromatic_flag 
_chem_comp_bond.pdbx_stereo_config 
_chem_comp_bond.pdbx_ordinal 
ALA N   CA   sing N N 1   
ALA N   H    sing N N 2   
ALA N   H2   sing N N 3   
ALA CA  C    sing N N 4   
ALA CA  CB   sing N N 5   
ALA CA  HA   sing N N 6   
ALA C   O    doub N N 7   
ALA C   OXT  sing N N 8   
ALA CB  HB1  sing N N 9   
ALA CB  HB2  sing N N 10  
ALA CB  HB3  sing N N 11  
ALA OXT HXT  sing N N 12  
ARG N   CA   sing N N 13  
ARG N   H    sing N N 14  
ARG N   H2   sing N N 15  
ARG CA  C    sing N N 16  
ARG CA  CB   sing N N 17  
ARG CA  HA   sing N N 18  
ARG C   O    doub N N 19  
ARG C   OXT  sing N N 20  
ARG CB  CG   sing N N 21  
ARG CB  HB2  sing N N 22  
ARG CB  HB3  sing N N 23  
ARG CG  CD   sing N N 24  
ARG CG  HG2  sing N N 25  
ARG CG  HG3  sing N N 26  
ARG CD  NE   sing N N 27  
ARG CD  HD2  sing N N 28  
ARG CD  HD3  sing N N 29  
ARG NE  CZ   sing N N 30  
ARG NE  HE   sing N N 31  
ARG CZ  NH1  sing N N 32  
ARG CZ  NH2  doub N N 33  
ARG NH1 HH11 sing N N 34  
ARG NH1 HH12 sing N N 35  
ARG NH2 HH21 sing N N 36  
ARG NH2 HH22 sing N N 37  
ARG OXT HXT  sing N N 38  
ASN N   CA   sing N N 39  
ASN N   H    sing N N 40  
ASN N   H2   sing N N 41  
ASN CA  C    sing N N 42  
ASN CA  CB   sing N N 43  
ASN CA  HA   sing N N 44  
ASN C   O    doub N N 45  
ASN C   OXT  sing N N 46  
ASN CB  CG   sing N N 47  
ASN CB  HB2  sing N N 48  
ASN CB  HB3  sing N N 49  
ASN CG  OD1  doub N N 50  
ASN CG  ND2  sing N N 51  
ASN ND2 HD21 sing N N 52  
ASN ND2 HD22 sing N N 53  
ASN OXT HXT  sing N N 54  
ASP N   CA   sing N N 55  
ASP N   H    sing N N 56  
ASP N   H2   sing N N 57  
ASP CA  C    sing N N 58  
ASP CA  CB   sing N N 59  
ASP CA  HA   sing N N 60  
ASP C   O    doub N N 61  
ASP C   OXT  sing N N 62  
ASP CB  CG   sing N N 63  
ASP CB  HB2  sing N N 64  
ASP CB  HB3  sing N N 65  
ASP CG  OD1  doub N N 66  
ASP CG  OD2  sing N N 67  
ASP OD2 HD2  sing N N 68  
ASP OXT HXT  sing N N 69  
CYS N   CA   sing N N 70  
CYS N   H    sing N N 71  
CYS N   H2   sing N N 72  
CYS CA  C    sing N N 73  
CYS CA  CB   sing N N 74  
CYS CA  HA   sing N N 75  
CYS C   O    doub N N 76  
CYS C   OXT  sing N N 77  
CYS CB  SG   sing N N 78  
CYS CB  HB2  sing N N 79  
CYS CB  HB3  sing N N 80  
CYS SG  HG   sing N N 81  
CYS OXT HXT  sing N N 82  
GLN N   CA   sing N N 83  
GLN N   H    sing N N 84  
GLN N   H2   sing N N 85  
GLN CA  C    sing N N 86  
GLN CA  CB   sing N N 87  
GLN CA  HA   sing N N 88  
GLN C   O    doub N N 89  
GLN C   OXT  sing N N 90  
GLN CB  CG   sing N N 91  
GLN CB  HB2  sing N N 92  
GLN CB  HB3  sing N N 93  
GLN CG  CD   sing N N 94  
GLN CG  HG2  sing N N 95  
GLN CG  HG3  sing N N 96  
GLN CD  OE1  doub N N 97  
GLN CD  NE2  sing N N 98  
GLN NE2 HE21 sing N N 99  
GLN NE2 HE22 sing N N 100 
GLN OXT HXT  sing N N 101 
GLU N   CA   sing N N 102 
GLU N   H    sing N N 103 
GLU N   H2   sing N N 104 
GLU CA  C    sing N N 105 
GLU CA  CB   sing N N 106 
GLU CA  HA   sing N N 107 
GLU C   O    doub N N 108 
GLU C   OXT  sing N N 109 
GLU CB  CG   sing N N 110 
GLU CB  HB2  sing N N 111 
GLU CB  HB3  sing N N 112 
GLU CG  CD   sing N N 113 
GLU CG  HG2  sing N N 114 
GLU CG  HG3  sing N N 115 
GLU CD  OE1  doub N N 116 
GLU CD  OE2  sing N N 117 
GLU OE2 HE2  sing N N 118 
GLU OXT HXT  sing N N 119 
GLY N   CA   sing N N 120 
GLY N   H    sing N N 121 
GLY N   H2   sing N N 122 
GLY CA  C    sing N N 123 
GLY CA  HA2  sing N N 124 
GLY CA  HA3  sing N N 125 
GLY C   O    doub N N 126 
GLY C   OXT  sing N N 127 
GLY OXT HXT  sing N N 128 
HIS N   CA   sing N N 129 
HIS N   H    sing N N 130 
HIS N   H2   sing N N 131 
HIS CA  C    sing N N 132 
HIS CA  CB   sing N N 133 
HIS CA  HA   sing N N 134 
HIS C   O    doub N N 135 
HIS C   OXT  sing N N 136 
HIS CB  CG   sing N N 137 
HIS CB  HB2  sing N N 138 
HIS CB  HB3  sing N N 139 
HIS CG  ND1  sing Y N 140 
HIS CG  CD2  doub Y N 141 
HIS ND1 CE1  doub Y N 142 
HIS ND1 HD1  sing N N 143 
HIS CD2 NE2  sing Y N 144 
HIS CD2 HD2  sing N N 145 
HIS CE1 NE2  sing Y N 146 
HIS CE1 HE1  sing N N 147 
HIS NE2 HE2  sing N N 148 
HIS OXT HXT  sing N N 149 
ILE N   CA   sing N N 150 
ILE N   H    sing N N 151 
ILE N   H2   sing N N 152 
ILE CA  C    sing N N 153 
ILE CA  CB   sing N N 154 
ILE CA  HA   sing N N 155 
ILE C   O    doub N N 156 
ILE C   OXT  sing N N 157 
ILE CB  CG1  sing N N 158 
ILE CB  CG2  sing N N 159 
ILE CB  HB   sing N N 160 
ILE CG1 CD1  sing N N 161 
ILE CG1 HG12 sing N N 162 
ILE CG1 HG13 sing N N 163 
ILE CG2 HG21 sing N N 164 
ILE CG2 HG22 sing N N 165 
ILE CG2 HG23 sing N N 166 
ILE CD1 HD11 sing N N 167 
ILE CD1 HD12 sing N N 168 
ILE CD1 HD13 sing N N 169 
ILE OXT HXT  sing N N 170 
LEU N   CA   sing N N 171 
LEU N   H    sing N N 172 
LEU N   H2   sing N N 173 
LEU CA  C    sing N N 174 
LEU CA  CB   sing N N 175 
LEU CA  HA   sing N N 176 
LEU C   O    doub N N 177 
LEU C   OXT  sing N N 178 
LEU CB  CG   sing N N 179 
LEU CB  HB2  sing N N 180 
LEU CB  HB3  sing N N 181 
LEU CG  CD1  sing N N 182 
LEU CG  CD2  sing N N 183 
LEU CG  HG   sing N N 184 
LEU CD1 HD11 sing N N 185 
LEU CD1 HD12 sing N N 186 
LEU CD1 HD13 sing N N 187 
LEU CD2 HD21 sing N N 188 
LEU CD2 HD22 sing N N 189 
LEU CD2 HD23 sing N N 190 
LEU OXT HXT  sing N N 191 
LYS N   CA   sing N N 192 
LYS N   H    sing N N 193 
LYS N   H2   sing N N 194 
LYS CA  C    sing N N 195 
LYS CA  CB   sing N N 196 
LYS CA  HA   sing N N 197 
LYS C   O    doub N N 198 
LYS C   OXT  sing N N 199 
LYS CB  CG   sing N N 200 
LYS CB  HB2  sing N N 201 
LYS CB  HB3  sing N N 202 
LYS CG  CD   sing N N 203 
LYS CG  HG2  sing N N 204 
LYS CG  HG3  sing N N 205 
LYS CD  CE   sing N N 206 
LYS CD  HD2  sing N N 207 
LYS CD  HD3  sing N N 208 
LYS CE  NZ   sing N N 209 
LYS CE  HE2  sing N N 210 
LYS CE  HE3  sing N N 211 
LYS NZ  HZ1  sing N N 212 
LYS NZ  HZ2  sing N N 213 
LYS NZ  HZ3  sing N N 214 
LYS OXT HXT  sing N N 215 
MET N   CA   sing N N 216 
MET N   H    sing N N 217 
MET N   H2   sing N N 218 
MET CA  C    sing N N 219 
MET CA  CB   sing N N 220 
MET CA  HA   sing N N 221 
MET C   O    doub N N 222 
MET C   OXT  sing N N 223 
MET CB  CG   sing N N 224 
MET CB  HB2  sing N N 225 
MET CB  HB3  sing N N 226 
MET CG  SD   sing N N 227 
MET CG  HG2  sing N N 228 
MET CG  HG3  sing N N 229 
MET SD  CE   sing N N 230 
MET CE  HE1  sing N N 231 
MET CE  HE2  sing N N 232 
MET CE  HE3  sing N N 233 
MET OXT HXT  sing N N 234 
PHE N   CA   sing N N 235 
PHE N   H    sing N N 236 
PHE N   H2   sing N N 237 
PHE CA  C    sing N N 238 
PHE CA  CB   sing N N 239 
PHE CA  HA   sing N N 240 
PHE C   O    doub N N 241 
PHE C   OXT  sing N N 242 
PHE CB  CG   sing N N 243 
PHE CB  HB2  sing N N 244 
PHE CB  HB3  sing N N 245 
PHE CG  CD1  doub Y N 246 
PHE CG  CD2  sing Y N 247 
PHE CD1 CE1  sing Y N 248 
PHE CD1 HD1  sing N N 249 
PHE CD2 CE2  doub Y N 250 
PHE CD2 HD2  sing N N 251 
PHE CE1 CZ   doub Y N 252 
PHE CE1 HE1  sing N N 253 
PHE CE2 CZ   sing Y N 254 
PHE CE2 HE2  sing N N 255 
PHE CZ  HZ   sing N N 256 
PHE OXT HXT  sing N N 257 
PRO N   CA   sing N N 258 
PRO N   CD   sing N N 259 
PRO N   H    sing N N 260 
PRO CA  C    sing N N 261 
PRO CA  CB   sing N N 262 
PRO CA  HA   sing N N 263 
PRO C   O    doub N N 264 
PRO C   OXT  sing N N 265 
PRO CB  CG   sing N N 266 
PRO CB  HB2  sing N N 267 
PRO CB  HB3  sing N N 268 
PRO CG  CD   sing N N 269 
PRO CG  HG2  sing N N 270 
PRO CG  HG3  sing N N 271 
PRO CD  HD2  sing N N 272 
PRO CD  HD3  sing N N 273 
PRO OXT HXT  sing N N 274 
SER N   CA   sing N N 275 
SER N   H    sing N N 276 
SER N   H2   sing N N 277 
SER CA  C    sing N N 278 
SER CA  CB   sing N N 279 
SER CA  HA   sing N N 280 
SER C   O    doub N N 281 
SER C   OXT  sing N N 282 
SER CB  OG   sing N N 283 
SER CB  HB2  sing N N 284 
SER CB  HB3  sing N N 285 
SER OG  HG   sing N N 286 
SER OXT HXT  sing N N 287 
THR N   CA   sing N N 288 
THR N   H    sing N N 289 
THR N   H2   sing N N 290 
THR CA  C    sing N N 291 
THR CA  CB   sing N N 292 
THR CA  HA   sing N N 293 
THR C   O    doub N N 294 
THR C   OXT  sing N N 295 
THR CB  OG1  sing N N 296 
THR CB  CG2  sing N N 297 
THR CB  HB   sing N N 298 
THR OG1 HG1  sing N N 299 
THR CG2 HG21 sing N N 300 
THR CG2 HG22 sing N N 301 
THR CG2 HG23 sing N N 302 
THR OXT HXT  sing N N 303 
TRP N   CA   sing N N 304 
TRP N   H    sing N N 305 
TRP N   H2   sing N N 306 
TRP CA  C    sing N N 307 
TRP CA  CB   sing N N 308 
TRP CA  HA   sing N N 309 
TRP C   O    doub N N 310 
TRP C   OXT  sing N N 311 
TRP CB  CG   sing N N 312 
TRP CB  HB2  sing N N 313 
TRP CB  HB3  sing N N 314 
TRP CG  CD1  doub Y N 315 
TRP CG  CD2  sing Y N 316 
TRP CD1 NE1  sing Y N 317 
TRP CD1 HD1  sing N N 318 
TRP CD2 CE2  doub Y N 319 
TRP CD2 CE3  sing Y N 320 
TRP NE1 CE2  sing Y N 321 
TRP NE1 HE1  sing N N 322 
TRP CE2 CZ2  sing Y N 323 
TRP CE3 CZ3  doub Y N 324 
TRP CE3 HE3  sing N N 325 
TRP CZ2 CH2  doub Y N 326 
TRP CZ2 HZ2  sing N N 327 
TRP CZ3 CH2  sing Y N 328 
TRP CZ3 HZ3  sing N N 329 
TRP CH2 HH2  sing N N 330 
TRP OXT HXT  sing N N 331 
TYR N   CA   sing N N 332 
TYR N   H    sing N N 333 
TYR N   H2   sing N N 334 
TYR CA  C    sing N N 335 
TYR CA  CB   sing N N 336 
TYR CA  HA   sing N N 337 
TYR C   O    doub N N 338 
TYR C   OXT  sing N N 339 
TYR CB  CG   sing N N 340 
TYR CB  HB2  sing N N 341 
TYR CB  HB3  sing N N 342 
TYR CG  CD1  doub Y N 343 
TYR CG  CD2  sing Y N 344 
TYR CD1 CE1  sing Y N 345 
TYR CD1 HD1  sing N N 346 
TYR CD2 CE2  doub Y N 347 
TYR CD2 HD2  sing N N 348 
TYR CE1 CZ   doub Y N 349 
TYR CE1 HE1  sing N N 350 
TYR CE2 CZ   sing Y N 351 
TYR CE2 HE2  sing N N 352 
TYR CZ  OH   sing N N 353 
TYR OH  HH   sing N N 354 
TYR OXT HXT  sing N N 355 
VAL N   CA   sing N N 356 
VAL N   H    sing N N 357 
VAL N   H2   sing N N 358 
VAL CA  C    sing N N 359 
VAL CA  CB   sing N N 360 
VAL CA  HA   sing N N 361 
VAL C   O    doub N N 362 
VAL C   OXT  sing N N 363 
VAL CB  CG1  sing N N 364 
VAL CB  CG2  sing N N 365 
VAL CB  HB   sing N N 366 
VAL CG1 HG11 sing N N 367 
VAL CG1 HG12 sing N N 368 
VAL CG1 HG13 sing N N 369 
VAL CG2 HG21 sing N N 370 
VAL CG2 HG22 sing N N 371 
VAL CG2 HG23 sing N N 372 
VAL OXT HXT  sing N N 373 
# 
loop_
_pdbx_coordinate_model.asym_id 
_pdbx_coordinate_model.type 
A 'CA ATOMS ONLY' 
B 'CA ATOMS ONLY' 
# 
_atom_sites.entry_id                    2TLD 
_atom_sites.fract_transf_matrix[1][1]   -0.00260962 
_atom_sites.fract_transf_matrix[1][2]   0.00826414 
_atom_sites.fract_transf_matrix[1][3]   0.00249002 
_atom_sites.fract_transf_matrix[2][1]   -0.00590761 
_atom_sites.fract_transf_matrix[2][2]   -0.00342227 
_atom_sites.fract_transf_matrix[2][3]   0.00516683 
_atom_sites.fract_transf_matrix[3][1]   0.01031801 
_atom_sites.fract_transf_matrix[3][2]   -0.00024709 
_atom_sites.fract_transf_matrix[3][3]   0.01163367 
_atom_sites.fract_transf_vector[1]      0.244464 
_atom_sites.fract_transf_vector[2]      0.103880 
_atom_sites.fract_transf_vector[3]      0.308445 
# 
_atom_sites_footnote.id     1 
_atom_sites_footnote.text   'PRO I 37 IS A CIS PROLINE.' 
# 
_atom_type.symbol   C 
# 
loop_
_atom_site.group_PDB 
_atom_site.id 
_atom_site.type_symbol 
_atom_site.label_atom_id 
_atom_site.label_alt_id 
_atom_site.label_comp_id 
_atom_site.label_asym_id 
_atom_site.label_entity_id 
_atom_site.label_seq_id 
_atom_site.pdbx_PDB_ins_code 
_atom_site.Cartn_x 
_atom_site.Cartn_y 
_atom_site.Cartn_z 
_atom_site.occupancy 
_atom_site.B_iso_or_equiv 
_atom_site.pdbx_formal_charge 
_atom_site.auth_seq_id 
_atom_site.auth_comp_id 
_atom_site.auth_asym_id 
_atom_site.auth_atom_id 
_atom_site.pdbx_PDB_model_num 
ATOM 1   C CA . ILE A 1 1   ? 6.805   7.073   5.241   1.00 27.15 ? 16  ILE E CA 1 
ATOM 2   C CA . VAL A 1 2   ? 8.955   8.736   2.594   1.00 27.77 ? 17  VAL E CA 1 
ATOM 3   C CA . GLY A 1 3   ? 10.214  11.952  4.221   1.00 27.27 ? 18  GLY E CA 1 
ATOM 4   C CA . GLY A 1 4   ? 9.844   10.313  7.675   1.00 29.42 ? 19  GLY E CA 1 
ATOM 5   C CA . TYR A 1 5   ? 11.306  11.186  11.028  1.00 28.59 ? 20  TYR E CA 1 
ATOM 6   C CA . THR A 1 6   ? 11.239  8.695   14.036  1.00 32.88 ? 21  THR E CA 1 
ATOM 7   C CA . CYS A 1 7   ? 7.937   8.758   15.999  1.00 28.61 ? 22  CYS E CA 1 
ATOM 8   C CA . GLY A 1 8   ? 9.645   8.596   19.352  1.00 29.85 ? 23  GLY E CA 1 
ATOM 9   C CA . ALA A 1 9   ? 8.797   5.118   20.627  1.00 26.15 ? 24  ALA E CA 1 
ATOM 10  C CA . ASN A 1 10  ? 5.161   5.948   21.442  1.00 26.75 ? 25  ASN E CA 1 
ATOM 11  C CA . THR A 1 11  ? 4.148   9.657   20.267  1.00 26.23 ? 26  THR E CA 1 
ATOM 12  C CA . VAL A 1 12  ? 0.962   8.209   18.585  1.00 27.12 ? 27  VAL E CA 1 
ATOM 13  C CA . PRO A 1 13  ? -0.385  5.416   20.806  1.00 27.45 ? 28  PRO E CA 1 
ATOM 14  C CA . TYR A 1 14  ? -2.872  3.529   18.807  1.00 32.86 ? 29  TYR E CA 1 
ATOM 15  C CA . GLN A 1 15  ? -1.050  2.668   15.698  1.00 25.79 ? 30  GLN E CA 1 
ATOM 16  C CA . VAL A 1 16  ? -2.060  -0.850  15.233  1.00 21.91 ? 31  VAL E CA 1 
ATOM 17  C CA . SER A 1 17  ? 0.021   -3.012  12.892  1.00 20.58 ? 32  SER E CA 1 
ATOM 18  C CA . LEU A 1 18  ? -2.558  -5.442  11.370  1.00 17.17 ? 33  LEU E CA 1 
ATOM 19  C CA . ASN A 1 19  ? -0.373  -8.448  11.416  1.00 23.82 ? 34  ASN E CA 1 
ATOM 20  C CA . SER A 1 20  ? -1.507  -11.460 9.356   1.00 27.64 ? 37  SER E CA 1 
ATOM 21  C CA . GLY A 1 21  ? 1.812   -13.157 9.382   1.00 25.66 ? 38  GLY E CA 1 
ATOM 22  C CA . TYR A 1 22  ? 3.916   -10.126 8.539   1.00 25.41 ? 39  TYR E CA 1 
ATOM 23  C CA . HIS A 1 23  ? 2.883   -6.351  9.004   1.00 22.80 ? 40  HIS E CA 1 
ATOM 24  C CA . PHE A 1 24  ? 0.658   -5.104  6.245   1.00 23.16 ? 41  PHE E CA 1 
ATOM 25  C CA . CYS A 1 25  ? -1.899  -2.383  6.942   1.00 22.37 ? 42  CYS E CA 1 
ATOM 26  C CA . GLY A 1 26  ? -2.455  -0.181  9.986   1.00 25.73 ? 43  GLY E CA 1 
ATOM 27  C CA . GLY A 1 27  ? -5.613  1.168   11.645  1.00 28.84 ? 44  GLY E CA 1 
ATOM 28  C CA . SER A 1 28  ? -6.741  3.630   14.317  1.00 28.15 ? 45  SER E CA 1 
ATOM 29  C CA . LEU A 1 29  ? -7.815  2.334   17.713  1.00 27.77 ? 46  LEU E CA 1 
ATOM 30  C CA . ILE A 1 30  ? -10.918 4.239   18.105  1.00 25.94 ? 47  ILE E CA 1 
ATOM 31  C CA . ASN A 1 31  ? -12.649 1.945   20.558  1.00 20.18 ? 48  ASN E CA 1 
ATOM 32  C CA . SER A 1 32  ? -12.220 -0.891  23.030  1.00 22.21 ? 49  SER E CA 1 
ATOM 33  C CA . GLN A 1 33  ? -13.362 -3.334  20.307  1.00 26.95 ? 50  GLN E CA 1 
ATOM 34  C CA . TRP A 1 34  ? -13.013 -1.366  17.114  1.00 22.67 ? 51  TRP E CA 1 
ATOM 35  C CA . VAL A 1 35  ? -10.192 -0.630  14.738  1.00 22.20 ? 52  VAL E CA 1 
ATOM 36  C CA . VAL A 1 36  ? -11.017 1.700   11.871  1.00 19.18 ? 53  VAL E CA 1 
ATOM 37  C CA . SER A 1 37  ? -8.643  0.152   9.373   1.00 24.14 ? 54  SER E CA 1 
ATOM 38  C CA . ALA A 1 38  ? -8.788  0.490   5.622   1.00 24.96 ? 55  ALA E CA 1 
ATOM 39  C CA . ALA A 1 39  ? -10.299 -2.148  3.259   1.00 23.39 ? 56  ALA E CA 1 
ATOM 40  C CA . HIS A 1 40  ? -7.848  -3.617  0.886   1.00 17.99 ? 57  HIS E CA 1 
ATOM 41  C CA . CYS A 1 41  ? -6.273  -5.813  3.521   1.00 20.50 ? 58  CYS E CA 1 
ATOM 42  C CA . TYR A 1 42  ? -9.402  -7.614  4.499   1.00 21.51 ? 59  TYR E CA 1 
ATOM 43  C CA . LYS A 1 43  ? -7.622  -10.878 5.310   1.00 20.59 ? 60  LYS E CA 1 
ATOM 44  C CA . SER A 1 44  ? -8.240  -13.964 7.393   1.00 21.95 ? 61  SER E CA 1 
ATOM 45  C CA . GLY A 1 45  ? -6.282  -14.276 10.595  1.00 22.67 ? 62  GLY E CA 1 
ATOM 46  C CA . ILE A 1 46  ? -5.840  -10.497 11.175  1.00 19.00 ? 63  ILE E CA 1 
ATOM 47  C CA . GLN A 1 47  ? -4.604  -10.225 14.728  1.00 23.40 ? 64  GLN E CA 1 
ATOM 48  C CA . VAL A 1 48  ? -4.772  -6.532  15.607  1.00 21.14 ? 65  VAL E CA 1 
ATOM 49  C CA . ARG A 1 49  ? -1.197  -6.213  16.982  1.00 23.16 ? 66  ARG E CA 1 
ATOM 50  C CA . LEU A 1 50  ? -1.879  -3.661  19.708  1.00 21.59 ? 67  LEU E CA 1 
ATOM 51  C CA . GLY A 1 51  ? 0.201   -1.008  21.220  1.00 23.23 ? 69  GLY E CA 1 
ATOM 52  C CA . GLU A 1 52  ? 3.667   -1.175  19.747  1.00 24.68 ? 70  GLU E CA 1 
ATOM 53  C CA . ASP A 1 53  ? 6.585   0.548   18.074  1.00 23.63 ? 71  ASP E CA 1 
ATOM 54  C CA . ASN A 1 54  ? 9.171   -1.971  16.648  1.00 29.06 ? 72  ASN E CA 1 
ATOM 55  C CA . ILE A 1 55  ? 7.246   -4.652  14.743  1.00 27.27 ? 73  ILE E CA 1 
ATOM 56  C CA . ASN A 1 56  ? 10.060  -7.198  14.919  1.00 25.91 ? 74  ASN E CA 1 
ATOM 57  C CA . VAL A 1 57  ? 10.686  -7.129  18.726  1.00 27.68 ? 75  VAL E CA 1 
ATOM 58  C CA . VAL A 1 58  ? 8.303   -8.351  21.575  1.00 23.03 ? 76  VAL E CA 1 
ATOM 59  C CA . GLU A 1 59  ? 9.749   -5.521  23.652  1.00 22.42 ? 77  GLU E CA 1 
ATOM 60  C CA . GLY A 1 60  ? 7.209   -5.050  26.479  1.00 25.19 ? 78  GLY E CA 1 
ATOM 61  C CA . ASN A 1 61  ? 3.884   -3.312  25.924  1.00 28.77 ? 79  ASN E CA 1 
ATOM 62  C CA . GLU A 1 62  ? 2.500   -5.155  22.889  1.00 26.70 ? 80  GLU E CA 1 
ATOM 63  C CA . GLN A 1 63  ? -0.983  -6.648  23.365  1.00 25.25 ? 81  GLN E CA 1 
ATOM 64  C CA . PHE A 1 64  ? -2.281  -9.115  20.802  1.00 23.15 ? 82  PHE E CA 1 
ATOM 65  C CA . ILE A 1 65  ? -5.870  -9.663  19.893  1.00 26.38 ? 83  ILE E CA 1 
ATOM 66  C CA . SER A 1 66  ? -6.843  -12.090 17.091  1.00 29.19 ? 84  SER E CA 1 
ATOM 67  C CA . ALA A 1 67  ? -9.955  -10.391 15.486  1.00 25.69 ? 85  ALA E CA 1 
ATOM 68  C CA . SER A 1 68  ? -13.372 -11.895 15.553  1.00 26.87 ? 86  SER E CA 1 
ATOM 69  C CA . LYS A 1 69  ? -15.117 -10.091 12.796  1.00 31.47 ? 87  LYS E CA 1 
ATOM 70  C CA . SER A 1 70  ? -13.810 -7.940  10.007  1.00 27.29 ? 88  SER E CA 1 
ATOM 71  C CA . ILE A 1 71  ? -16.308 -5.626  8.207   1.00 28.94 ? 89  ILE E CA 1 
ATOM 72  C CA . VAL A 1 72  ? -16.127 -3.850  4.665   1.00 25.24 ? 90  VAL E CA 1 
ATOM 73  C CA . HIS A 1 73  ? -18.386 -0.828  3.713   1.00 23.98 ? 91  HIS E CA 1 
ATOM 74  C CA . PRO A 1 74  ? -20.995 -2.933  1.675   1.00 30.45 ? 92  PRO E CA 1 
ATOM 75  C CA . SER A 1 75  ? -20.652 -0.719  -1.333  1.00 32.75 ? 93  SER E CA 1 
ATOM 76  C CA . TYR A 1 76  ? -17.022 -1.660  -1.932  1.00 32.08 ? 94  TYR E CA 1 
ATOM 77  C CA . ASN A 1 77  ? -15.434 -1.592  -5.403  1.00 30.60 ? 95  ASN E CA 1 
ATOM 78  C CA . SER A 1 78  ? -11.743 -2.174  -5.541  1.00 26.92 ? 96  SER E CA 1 
ATOM 79  C CA . ASN A 1 79  ? -11.363 -0.636  -9.048  1.00 25.82 ? 97  ASN E CA 1 
ATOM 80  C CA . THR A 1 80  ? -12.450 2.714   -7.666  1.00 24.73 ? 98  THR E CA 1 
ATOM 81  C CA . LEU A 1 81  ? -11.181 2.569   -4.069  1.00 20.59 ? 99  LEU E CA 1 
ATOM 82  C CA . ASN A 1 82  ? -13.997 4.645   -3.083  1.00 16.28 ? 100 ASN E CA 1 
ATOM 83  C CA . ASN A 1 83  ? -15.860 3.991   0.094   1.00 20.31 ? 101 ASN E CA 1 
ATOM 84  C CA . ASP A 1 84  ? -13.115 1.553   1.175   1.00 20.46 ? 102 ASP E CA 1 
ATOM 85  C CA . ILE A 1 85  ? -13.205 1.433   4.807   1.00 19.46 ? 103 ILE E CA 1 
ATOM 86  C CA . MET A 1 86  ? -13.372 -1.668  7.004   1.00 14.88 ? 104 MET E CA 1 
ATOM 87  C CA . LEU A 1 87  ? -13.820 -1.898  10.835  1.00 15.35 ? 105 LEU E CA 1 
ATOM 88  C CA . ILE A 1 88  ? -12.345 -4.877  12.732  1.00 15.86 ? 106 ILE E CA 1 
ATOM 89  C CA . LYS A 1 89  ? -13.551 -6.185  16.131  1.00 24.23 ? 107 LYS E CA 1 
ATOM 90  C CA . LEU A 1 90  ? -11.396 -7.936  18.708  1.00 28.78 ? 108 LEU E CA 1 
ATOM 91  C CA . LYS A 1 91  ? -12.363 -11.402 20.155  1.00 23.21 ? 109 LYS E CA 1 
ATOM 92  C CA . SER A 1 92  ? -11.665 -9.553  23.408  1.00 21.74 ? 110 SER E CA 1 
ATOM 93  C CA . ALA A 1 93  ? -11.137 -5.948  23.987  1.00 23.37 ? 111 ALA E CA 1 
ATOM 94  C CA . ALA A 1 94  ? -8.011  -3.973  24.721  1.00 29.92 ? 112 ALA E CA 1 
ATOM 95  C CA . SER A 1 95  ? -6.632  -2.964  28.091  1.00 28.02 ? 113 SER E CA 1 
ATOM 96  C CA . LEU A 1 96  ? -6.328  0.738   27.372  1.00 26.35 ? 114 LEU E CA 1 
ATOM 97  C CA . ASN A 1 97  ? -3.291  2.168   29.015  1.00 29.94 ? 115 ASN E CA 1 
ATOM 98  C CA . SER A 1 98  ? -1.032  5.048   27.693  1.00 33.59 ? 116 SER E CA 1 
ATOM 99  C CA . ARG A 1 99  ? 0.376   2.742   25.092  1.00 26.24 ? 117 ARG E CA 1 
ATOM 100 C CA . VAL A 1 100 ? -2.969  1.507   23.932  1.00 24.33 ? 118 VAL E CA 1 
ATOM 101 C CA . ALA A 1 101 ? -4.878  4.752   23.751  1.00 30.88 ? 119 ALA E CA 1 
ATOM 102 C CA . SER A 1 102 ? -7.895  6.236   21.780  1.00 31.39 ? 120 SER E CA 1 
ATOM 103 C CA . ILE A 1 103 ? -8.448  8.329   18.733  1.00 30.24 ? 121 ILE E CA 1 
ATOM 104 C CA . SER A 1 104 ? -11.844 9.918   17.839  1.00 32.30 ? 122 SER E CA 1 
ATOM 105 C CA . LEU A 1 105 ? -13.920 10.231  14.697  1.00 34.87 ? 123 LEU E CA 1 
ATOM 106 C CA . PRO A 1 106 ? -14.885 13.838  13.693  1.00 35.42 ? 124 PRO E CA 1 
ATOM 107 C CA . THR A 1 107 ? -17.554 16.364  13.433  1.00 29.87 ? 125 THR E CA 1 
ATOM 108 C CA . SER A 1 108 ? -15.862 18.365  10.634  1.00 31.96 ? 127 SER E CA 1 
ATOM 109 C CA . CYS A 1 109 ? -14.463 17.657  7.319   1.00 29.60 ? 128 CYS E CA 1 
ATOM 110 C CA . ALA A 1 110 ? -11.004 19.008  6.898   1.00 30.44 ? 129 ALA E CA 1 
ATOM 111 C CA . SER A 1 111 ? -10.371 22.749  6.365   1.00 36.82 ? 130 SER E CA 1 
ATOM 112 C CA . ALA A 1 112 ? -8.134  22.408  3.250   1.00 35.07 ? 132 ALA E CA 1 
ATOM 113 C CA . GLY A 1 113 ? -4.946  23.665  4.997   1.00 36.77 ? 133 GLY E CA 1 
ATOM 114 C CA . THR A 1 114 ? -4.710  21.867  8.354   1.00 31.10 ? 134 THR E CA 1 
ATOM 115 C CA . GLN A 1 115 ? -1.862  19.600  9.277   1.00 30.49 ? 135 GLN E CA 1 
ATOM 116 C CA . CYS A 1 116 ? -2.367  15.983  9.473   1.00 34.74 ? 136 CYS E CA 1 
ATOM 117 C CA . LEU A 1 117 ? -0.394  13.228  10.923  1.00 34.46 ? 137 LEU E CA 1 
ATOM 118 C CA . ILE A 1 118 ? 0.064   10.435  8.528   1.00 27.10 ? 138 ILE E CA 1 
ATOM 119 C CA . SER A 1 119 ? 1.999   7.670   10.304  1.00 26.42 ? 139 SER E CA 1 
ATOM 120 C CA . GLY A 1 120 ? 2.965   3.999   10.169  1.00 24.91 ? 140 GLY E CA 1 
ATOM 121 C CA . TRP A 1 121 ? 5.493   1.322   9.732   1.00 26.07 ? 141 TRP E CA 1 
ATOM 122 C CA . GLY A 1 122 ? 6.622   1.300   6.089   1.00 28.34 ? 142 GLY E CA 1 
ATOM 123 C CA . ASN A 1 123 ? 8.854   2.444   3.207   1.00 33.57 ? 143 ASN E CA 1 
ATOM 124 C CA . THR A 1 124 ? 10.911  5.628   2.687   1.00 36.51 ? 144 THR E CA 1 
ATOM 125 C CA . LYS A 1 125 ? 12.592  4.749   -0.627  1.00 41.19 ? 145 LYS E CA 1 
ATOM 126 C CA . SER A 1 126 ? 10.123  6.542   -2.685  1.00 43.27 ? 146 SER E CA 1 
ATOM 127 C CA . SER A 1 127 ? 9.851   3.844   -5.363  1.00 44.26 ? 147 SER E CA 1 
ATOM 128 C CA . GLY A 1 128 ? 11.327  0.409   -4.617  1.00 41.77 ? 148 GLY E CA 1 
ATOM 129 C CA . THR A 1 129 ? 11.857  -1.034  -1.177  1.00 41.45 ? 149 THR E CA 1 
ATOM 130 C CA . SER A 1 130 ? 13.388  -0.776  2.373   1.00 40.57 ? 150 SER E CA 1 
ATOM 131 C CA . TYR A 1 131 ? 11.096  -1.018  5.311   1.00 35.83 ? 151 TYR E CA 1 
ATOM 132 C CA . PRO A 1 132 ? 11.383  0.892   8.784   1.00 28.59 ? 152 PRO E CA 1 
ATOM 133 C CA . ASP A 1 133 ? 11.196  -1.148  11.858  1.00 21.94 ? 153 ASP E CA 1 
ATOM 134 C CA . VAL A 1 134 ? 10.717  1.899   13.995  1.00 20.68 ? 154 VAL E CA 1 
ATOM 135 C CA . LEU A 1 135 ? 7.188   3.316   13.754  1.00 19.90 ? 155 LEU E CA 1 
ATOM 136 C CA . LYS A 1 136 ? 7.533   6.371   11.417  1.00 20.52 ? 156 LYS E CA 1 
ATOM 137 C CA . CYS A 1 137 ? 5.273   9.467   11.539  1.00 24.48 ? 157 CYS E CA 1 
ATOM 138 C CA . LEU A 1 138 ? 4.887   12.293  8.952   1.00 25.89 ? 158 LEU E CA 1 
ATOM 139 C CA . LYS A 1 139 ? 3.575   15.760  9.036   1.00 27.99 ? 159 LYS E CA 1 
ATOM 140 C CA . ALA A 1 140 ? 1.632   16.865  5.877   1.00 29.51 ? 160 ALA E CA 1 
ATOM 141 C CA . PRO A 1 141 ? -1.410  18.872  4.778   1.00 23.70 ? 161 PRO E CA 1 
ATOM 142 C CA . ILE A 1 142 ? -4.942  18.853  3.778   1.00 23.45 ? 162 ILE E CA 1 
ATOM 143 C CA . LEU A 1 143 ? -5.025  19.797  0.162   1.00 28.19 ? 163 LEU E CA 1 
ATOM 144 C CA . SER A 1 144 ? -7.809  21.622  -1.697  1.00 30.54 ? 164 SER E CA 1 
ATOM 145 C CA . ASP A 1 145 ? -10.299 19.049  -3.276  1.00 34.39 ? 165 ASP E CA 1 
ATOM 146 C CA . SER A 1 146 ? -9.233  20.676  -6.514  1.00 35.83 ? 166 SER E CA 1 
ATOM 147 C CA . SER A 1 147 ? -5.541  19.546  -6.112  1.00 31.71 ? 167 SER E CA 1 
ATOM 148 C CA . CYS A 1 148 ? -6.647  15.951  -6.077  1.00 34.35 ? 168 CYS E CA 1 
ATOM 149 C CA . LYS A 1 149 ? -8.475  16.237  -9.374  1.00 32.09 ? 169 LYS E CA 1 
ATOM 150 C CA . SER A 1 150 ? -5.521  17.929  -10.989 1.00 32.35 ? 170 SER E CA 1 
ATOM 151 C CA . ALA A 1 151 ? -3.365  15.146  -9.695  1.00 29.88 ? 171 ALA E CA 1 
ATOM 152 C CA . TYR A 1 152 ? -5.405  12.065  -10.412 1.00 29.93 ? 172 TYR E CA 1 
ATOM 153 C CA . PRO A 1 153 ? -7.957  13.255  -12.998 1.00 22.73 ? 173 PRO E CA 1 
ATOM 154 C CA . GLY A 1 154 ? -11.565 12.567  -11.902 1.00 20.91 ? 174 GLY E CA 1 
ATOM 155 C CA . GLN A 1 155 ? -10.164 9.272   -10.615 1.00 20.44 ? 175 GLN E CA 1 
ATOM 156 C CA . ILE A 1 156 ? -10.374 10.879  -7.235  1.00 19.48 ? 176 ILE E CA 1 
ATOM 157 C CA . THR A 1 157 ? -14.031 10.464  -6.468  1.00 24.93 ? 177 THR E CA 1 
ATOM 158 C CA . SER A 1 158 ? -15.406 12.179  -3.412  1.00 31.25 ? 178 SER E CA 1 
ATOM 159 C CA . ASN A 1 159 ? -14.325 10.642  -0.061  1.00 26.57 ? 179 ASN E CA 1 
ATOM 160 C CA . MET A 1 160 ? -10.816 11.002  -1.077  1.00 28.60 ? 180 MET E CA 1 
ATOM 161 C CA . PHE A 1 161 ? -9.017  13.670  0.730   1.00 30.98 ? 181 PHE E CA 1 
ATOM 162 C CA . CYS A 1 162 ? -5.567  14.135  -0.725  1.00 37.51 ? 182 CYS E CA 1 
ATOM 163 C CA . ALA A 1 163 ? -2.546  15.150  1.483   1.00 31.51 ? 183 ALA E CA 1 
ATOM 164 C CA A GLY A 1 164 ? 1.023   15.625  0.490   0.50 24.98 ? 184 GLY E CA 1 
ATOM 165 C CA B GLY A 1 164 ? 3.622   18.162  -0.605  0.50 30.22 ? 184 GLY E CA 1 
ATOM 166 C CA . LEU A 1 165 ? 3.551   19.305  -4.289  1.00 31.23 ? 185 LEU E CA 1 
ATOM 167 C CA . GLU A 1 166 ? 7.519   19.394  -4.415  1.00 28.39 ? 186 GLU E CA 1 
ATOM 168 C CA . GLY A 1 167 ? 7.389   15.896  -3.285  1.00 30.61 ? 187 GLY E CA 1 
ATOM 169 C CA A GLY A 1 168 ? 9.794   13.793  -1.315  0.50 29.83 ? 188 GLY E CA 1 
ATOM 170 C CA B GLY A 1 168 ? 7.152   13.523  1.513   0.50 29.87 ? 188 GLY E CA 1 
ATOM 171 C CA . ASP A 1 169 ? 4.210   10.905  1.779   1.00 25.26 ? 189 ASP E CA 1 
ATOM 172 C CA . SER A 1 170 ? 2.905   7.528   3.042   1.00 16.29 ? 190 SER E CA 1 
ATOM 173 C CA . CYS A 1 171 ? 3.486   4.475   0.722   1.00 20.36 ? 191 CYS E CA 1 
ATOM 174 C CA . GLN A 1 172 ? 3.195   0.601   0.817   1.00 19.22 ? 192 GLN E CA 1 
ATOM 175 C CA . GLY A 1 173 ? 3.130   -0.185  4.478   1.00 17.02 ? 193 GLY E CA 1 
ATOM 176 C CA . ASP A 1 174 ? 1.156   2.715   5.758   1.00 21.09 ? 194 ASP E CA 1 
ATOM 177 C CA . SER A 1 175 ? -2.238  1.610   4.188   1.00 21.30 ? 195 SER E CA 1 
ATOM 178 C CA . GLY A 1 176 ? -4.763  2.324   6.696   1.00 13.04 ? 196 GLY E CA 1 
ATOM 179 C CA . GLY A 1 177 ? -2.776  4.594   8.917   1.00 19.70 ? 197 GLY E CA 1 
ATOM 180 C CA . PRO A 1 178 ? -4.534  7.171   11.020  1.00 20.59 ? 198 PRO E CA 1 
ATOM 181 C CA . VAL A 1 179 ? -4.444  10.566  9.375   1.00 26.51 ? 199 VAL E CA 1 
ATOM 182 C CA . VAL A 1 180 ? -5.172  12.124  12.732  1.00 24.13 ? 200 VAL E CA 1 
ATOM 183 C CA . CYS A 1 181 ? -5.527  15.809  12.682  1.00 28.75 ? 201 CYS E CA 1 
ATOM 184 C CA . SER A 1 182 ? -7.154  17.972  15.568  1.00 29.72 ? 202 SER E CA 1 
ATOM 185 C CA . GLY A 1 183 ? -7.877  15.076  17.767  1.00 25.54 ? 203 GLY E CA 1 
ATOM 186 C CA . LYS A 1 184 ? -9.758  13.196  15.095  1.00 21.84 ? 204 LYS E CA 1 
ATOM 187 C CA . LEU A 1 185 ? -8.701  10.788  12.307  1.00 22.74 ? 209 LEU E CA 1 
ATOM 188 C CA . GLN A 1 186 ? -9.987  12.815  9.318   1.00 29.18 ? 210 GLN E CA 1 
ATOM 189 C CA . GLY A 1 187 ? -9.129  9.922   7.131   1.00 26.58 ? 211 GLY E CA 1 
ATOM 190 C CA . ILE A 1 188 ? -6.897  6.896   6.476   1.00 25.48 ? 212 ILE E CA 1 
ATOM 191 C CA . VAL A 1 189 ? -3.936  6.194   4.011   1.00 21.43 ? 213 VAL E CA 1 
ATOM 192 C CA . SER A 1 190 ? -5.597  5.501   0.767   1.00 22.80 ? 214 SER E CA 1 
ATOM 193 C CA . TRP A 1 191 ? -3.321  5.533   -2.316  1.00 22.81 ? 215 TRP E CA 1 
ATOM 194 C CA . GLY A 1 192 ? -1.286  7.113   -5.157  1.00 23.02 ? 216 GLY E CA 1 
ATOM 195 C CA . SER A 1 193 ? 1.154   5.891   -7.918  1.00 24.65 ? 217 SER E CA 1 
ATOM 196 C CA . GLY A 1 194 ? 4.282   4.936   -5.717  1.00 25.50 ? 219 GLY E CA 1 
ATOM 197 C CA . CYS A 1 195 ? 5.706   7.899   -3.797  1.00 25.48 ? 220 CYS E CA 1 
ATOM 198 C CA A ALA A 1 196 ? 5.890   11.576  -3.526  0.50 25.92 ? 221 ALA E CA 1 
ATOM 199 C CA B ALA A 1 196 ? 6.794   12.491  -7.104  0.50 29.78 ? 221 ALA E CA 1 
ATOM 200 C CA . LYS A 1 197 ? 6.104   15.991  -8.228  1.00 27.90 ? 222 LYS E CA 1 
ATOM 201 C CA . ASN A 1 198 ? 2.587   17.271  -8.558  1.00 28.41 ? 223 ASN E CA 1 
ATOM 202 C CA . LYS A 1 199 ? 0.794   14.097  -7.283  1.00 26.23 ? 224 LYS E CA 1 
ATOM 203 C CA . PRO A 1 200 ? 0.210   14.131  -3.482  1.00 27.72 ? 225 PRO E CA 1 
ATOM 204 C CA . GLY A 1 201 ? -1.081  10.992  -1.859  1.00 28.69 ? 226 GLY E CA 1 
ATOM 205 C CA . VAL A 1 202 ? -4.784  10.552  -1.217  1.00 28.49 ? 227 VAL E CA 1 
ATOM 206 C CA . TYR A 1 203 ? -6.500  9.349   1.883   1.00 28.92 ? 228 TYR E CA 1 
ATOM 207 C CA . THR A 1 204 ? -10.119 8.050   2.167   1.00 25.85 ? 229 THR E CA 1 
ATOM 208 C CA . LYS A 1 205 ? -12.302 10.535  4.052   1.00 29.97 ? 230 LYS E CA 1 
ATOM 209 C CA . VAL A 1 206 ? -13.874 9.440   7.316   1.00 25.35 ? 231 VAL E CA 1 
ATOM 210 C CA . CYS A 1 207 ? -15.983 12.625  8.348   1.00 27.16 ? 232 CYS E CA 1 
ATOM 211 C CA . ASN A 1 208 ? -18.791 11.441  6.149   1.00 23.93 ? 233 ASN E CA 1 
ATOM 212 C CA . TYR A 1 209 ? -18.650 7.927   7.551   1.00 20.67 ? 234 TYR E CA 1 
ATOM 213 C CA . VAL A 1 210 ? -19.102 8.626   11.312  1.00 17.93 ? 235 VAL E CA 1 
ATOM 214 C CA . SER A 1 211 ? -22.771 7.662   11.439  1.00 22.27 ? 236 SER E CA 1 
ATOM 215 C CA . TRP A 1 212 ? -22.053 4.389   9.672   1.00 26.59 ? 237 TRP E CA 1 
ATOM 216 C CA . ILE A 1 213 ? -19.068 3.370   11.873  1.00 29.55 ? 238 ILE E CA 1 
ATOM 217 C CA . LYS A 1 214 ? -21.256 4.089   14.897  1.00 27.79 ? 239 LYS E CA 1 
ATOM 218 C CA . GLN A 1 215 ? -24.391 2.189   13.967  1.00 27.60 ? 240 GLN E CA 1 
ATOM 219 C CA . THR A 1 216 ? -22.399 -0.759  12.623  1.00 26.17 ? 241 THR E CA 1 
ATOM 220 C CA . ILE A 1 217 ? -20.791 -1.048  16.018  1.00 33.52 ? 242 ILE E CA 1 
ATOM 221 C CA . ALA A 1 218 ? -24.014 -0.387  17.857  1.00 39.38 ? 243 ALA E CA 1 
ATOM 222 C CA . SER A 1 219 ? -25.849 -3.587  16.513  1.00 37.90 ? 244 SER E CA 1 
ATOM 223 C CA . ASN A 1 220 ? -22.944 -5.914  16.794  1.00 40.53 ? 245 ASN E CA 1 
ATOM 224 C CA . SER B 2 1   ? 23.786  -8.175  -31.373 1.00 48.20 ? 4   SER I CA 1 
ATOM 225 C CA . ALA B 2 2   ? 21.123  -7.048  -33.989 1.00 42.26 ? 5   ALA I CA 1 
ATOM 226 C CA . LEU B 2 3   ? 20.992  -10.054 -36.149 1.00 38.74 ? 6   LEU I CA 1 
ATOM 227 C CA . TYR B 2 4   ? 18.486  -12.517 -34.955 1.00 35.31 ? 7   TYR I CA 1 
ATOM 228 C CA . ALA B 2 5   ? 20.158  -13.537 -31.588 1.00 27.26 ? 8   ALA I CA 1 
ATOM 229 C CA . PRO B 2 6   ? 18.300  -16.185 -29.507 1.00 19.48 ? 9   PRO I CA 1 
ATOM 230 C CA . SER B 2 7   ? 15.596  -14.674 -27.341 1.00 18.21 ? 10  SER I CA 1 
ATOM 231 C CA . ALA B 2 8   ? 12.906  -16.292 -25.067 1.00 19.11 ? 11  ALA I CA 1 
ATOM 232 C CA . LEU B 2 9   ? 11.874  -15.709 -21.392 1.00 16.07 ? 12  LEU I CA 1 
ATOM 233 C CA . VAL B 2 10  ? 9.580   -17.458 -18.820 1.00 17.19 ? 13  VAL I CA 1 
ATOM 234 C CA . LEU B 2 11  ? 8.167   -15.045 -16.313 1.00 21.87 ? 14  LEU I CA 1 
ATOM 235 C CA . THR B 2 12  ? 6.532   -16.350 -13.068 1.00 21.21 ? 15  THR I CA 1 
ATOM 236 C CA . VAL B 2 13  ? 4.661   -13.963 -10.756 1.00 20.28 ? 16  VAL I CA 1 
ATOM 237 C CA . GLY B 2 14  ? 3.835   -15.400 -7.342  1.00 22.79 ? 17  GLY I CA 1 
ATOM 238 C CA . LYS B 2 15  ? 2.728   -14.732 -3.824  1.00 23.62 ? 18  LYS I CA 1 
ATOM 239 C CA . GLY B 2 16  ? 5.443   -14.959 -1.191  1.00 26.51 ? 19  GLY I CA 1 
ATOM 240 C CA . VAL B 2 17  ? 8.989   -13.461 -1.220  1.00 23.22 ? 20  VAL I CA 1 
ATOM 241 C CA . SER B 2 18  ? 11.775  -15.814 -1.499  1.00 31.60 ? 21  SER I CA 1 
ATOM 242 C CA . ALA B 2 19  ? 12.588  -17.943 -4.445  1.00 32.64 ? 22  ALA I CA 1 
ATOM 243 C CA . THR B 2 20  ? 11.363  -21.444 -3.226  1.00 38.68 ? 23  THR I CA 1 
ATOM 244 C CA . THR B 2 21  ? 9.237   -19.928 -0.554  1.00 34.29 ? 24  THR I CA 1 
ATOM 245 C CA . ALA B 2 22  ? 6.460   -18.732 -2.839  1.00 31.88 ? 25  ALA I CA 1 
ATOM 246 C CA . ALA B 2 23  ? 5.039   -21.198 -5.253  1.00 26.05 ? 26  ALA I CA 1 
ATOM 247 C CA . PRO B 2 24  ? 4.579   -19.612 -8.747  1.00 21.26 ? 27  PRO I CA 1 
ATOM 248 C CA . GLU B 2 25  ? 1.001   -18.707 -9.653  1.00 23.76 ? 28  GLU I CA 1 
ATOM 249 C CA . ARG B 2 26  ? 1.203   -17.973 -13.472 1.00 21.95 ? 29  ARG I CA 1 
ATOM 250 C CA . ALA B 2 27  ? 3.887   -18.200 -16.067 1.00 20.93 ? 30  ALA I CA 1 
ATOM 251 C CA . VAL B 2 28  ? 4.085   -16.913 -19.490 1.00 25.91 ? 31  VAL I CA 1 
ATOM 252 C CA . THR B 2 29  ? 6.754   -17.407 -21.914 1.00 19.81 ? 32  THR I CA 1 
ATOM 253 C CA . LEU B 2 30  ? 7.356   -14.796 -24.498 1.00 15.66 ? 33  LEU I CA 1 
ATOM 254 C CA . THR B 2 31  ? 9.814   -15.078 -27.391 1.00 16.72 ? 34  THR I CA 1 
ATOM 255 C CA . CYS B 2 32  ? 10.844  -11.935 -29.261 1.00 21.27 ? 35  CYS I CA 1 
ATOM 256 C CA . ALA B 2 33  ? 13.078  -13.840 -31.798 1.00 18.56 ? 36  ALA I CA 1 
ATOM 257 C CA . PRO B 2 34  ? 12.902  -12.950 -34.535 1.00 16.26 ? 37  PRO I CA 1 
ATOM 258 C CA . GLY B 2 35  ? 9.187   -12.657 -33.987 1.00 21.72 ? 38  GLY I CA 1 
ATOM 259 C CA . PRO B 2 36  ? 6.777   -11.761 -31.258 1.00 19.20 ? 39  PRO I CA 1 
ATOM 260 C CA . SER B 2 37  ? 5.148   -15.017 -30.076 1.00 18.39 ? 40  SER I CA 1 
ATOM 261 C CA . GLY B 2 38  ? 4.516   -17.366 -27.160 1.00 16.60 ? 41  GLY I CA 1 
ATOM 262 C CA . THR B 2 39  ? 2.113   -17.222 -24.225 1.00 10.55 ? 42  THR I CA 1 
ATOM 263 C CA . HIS B 2 40  ? 1.931   -13.564 -23.200 1.00 10.86 ? 43  HIS I CA 1 
ATOM 264 C CA . PRO B 2 41  ? -1.281  -11.317 -22.786 1.00 16.95 ? 44  PRO I CA 1 
ATOM 265 C CA . ALA B 2 42  ? 0.536   -8.583  -24.680 1.00 18.15 ? 45  ALA I CA 1 
ATOM 266 C CA . ALA B 2 43  ? 3.880   -9.861  -25.919 1.00 17.99 ? 46  ALA I CA 1 
ATOM 267 C CA . GLY B 2 44  ? 4.112   -7.442  -28.764 1.00 19.60 ? 47  GLY I CA 1 
ATOM 268 C CA . SER B 2 45  ? 4.121   -4.355  -26.676 1.00 21.77 ? 48  SER I CA 1 
ATOM 269 C CA . ALA B 2 46  ? 6.088   -6.148  -23.951 1.00 19.93 ? 49  ALA I CA 1 
ATOM 270 C CA . CYS B 2 47  ? 9.103   -7.224  -26.092 1.00 16.93 ? 50  CYS I CA 1 
ATOM 271 C CA . ALA B 2 48  ? 9.326   -3.502  -26.865 1.00 20.08 ? 51  ALA I CA 1 
ATOM 272 C CA . ASP B 2 49  ? 9.926   -2.397  -23.324 1.00 21.76 ? 52  ASP I CA 1 
ATOM 273 C CA . LEU B 2 50  ? 12.380  -5.202  -22.968 1.00 20.98 ? 53  LEU I CA 1 
ATOM 274 C CA . ALA B 2 51  ? 14.231  -4.101  -26.192 1.00 23.43 ? 54  ALA I CA 1 
ATOM 275 C CA . ALA B 2 52  ? 14.586  -0.626  -24.746 1.00 26.67 ? 55  ALA I CA 1 
ATOM 276 C CA . VAL B 2 53  ? 16.245  -1.641  -21.507 1.00 26.85 ? 56  VAL I CA 1 
ATOM 277 C CA . GLY B 2 54  ? 18.651  -4.077  -23.046 1.00 27.52 ? 57  GLY I CA 1 
ATOM 278 C CA . GLY B 2 55  ? 17.939  -7.065  -20.726 1.00 26.13 ? 58  GLY I CA 1 
ATOM 279 C CA . ASP B 2 56  ? 18.962  -4.744  -17.798 1.00 26.37 ? 59  ASP I CA 1 
ATOM 280 C CA . LEU B 2 57  ? 15.559  -5.305  -16.197 1.00 21.52 ? 60  LEU I CA 1 
ATOM 281 C CA . ASN B 2 58  ? 16.238  -2.843  -13.337 1.00 23.31 ? 61  ASN I CA 1 
ATOM 282 C CA . ALA B 2 59  ? 16.231  0.049   -15.793 1.00 22.87 ? 62  ALA I CA 1 
ATOM 283 C CA . LEU B 2 60  ? 12.430  -0.559  -16.792 1.00 21.16 ? 63  LEU I CA 1 
ATOM 284 C CA . THR B 2 61  ? 11.152  1.944   -14.251 1.00 23.05 ? 64  THR I CA 1 
ATOM 285 C CA . ARG B 2 62  ? 7.989   3.024   -12.224 1.00 26.13 ? 65  ARG I CA 1 
ATOM 286 C CA . GLY B 2 63  ? 5.105   4.400   -14.239 1.00 22.39 ? 66  GLY I CA 1 
ATOM 287 C CA . GLU B 2 64  ? 4.124   7.943   -13.518 1.00 24.08 ? 67  GLU I CA 1 
ATOM 288 C CA . ASP B 2 65  ? 0.302   7.652   -13.413 1.00 22.58 ? 68  ASP I CA 1 
ATOM 289 C CA . VAL B 2 66  ? -0.959  4.284   -12.523 1.00 23.58 ? 69  VAL I CA 1 
ATOM 290 C CA . GLY B 2 67  ? -2.293  4.055   -9.061  1.00 21.86 ? 70  GLY I CA 1 
ATOM 291 C CA . CYS B 2 68  ? -1.737  1.159   -6.826  1.00 25.37 ? 71  CYS I CA 1 
ATOM 292 C CA . PRO B 2 69  ? -2.895  0.213   -3.401  1.00 27.77 ? 72  PRO I CA 1 
ATOM 293 C CA . LYS B 2 70  ? -0.454  0.855   -0.676  1.00 25.68 ? 73  LYS I CA 1 
ATOM 294 C CA . VAL B 2 71  ? -0.911  -2.489  1.049   1.00 23.16 ? 74  VAL I CA 1 
ATOM 295 C CA . TYR B 2 72  ? 2.024   -4.849  1.560   1.00 25.02 ? 75  TYR I CA 1 
ATOM 296 C CA . ASP B 2 73  ? 1.031   -8.037  -0.334  1.00 23.08 ? 76  ASP I CA 1 
ATOM 297 C CA . PRO B 2 74  ? 4.266   -9.438  -1.443  1.00 25.66 ? 77  PRO I CA 1 
ATOM 298 C CA . VAL B 2 75  ? 4.901   -10.829 -5.006  1.00 27.09 ? 78  VAL I CA 1 
ATOM 299 C CA . LEU B 2 76  ? 7.931   -12.609 -6.444  1.00 25.72 ? 79  LEU I CA 1 
ATOM 300 C CA . LEU B 2 77  ? 8.793   -12.482 -10.166 1.00 21.28 ? 80  LEU I CA 1 
ATOM 301 C CA . THR B 2 78  ? 11.394  -15.142 -11.215 1.00 21.89 ? 81  THR I CA 1 
ATOM 302 C CA . VAL B 2 79  ? 12.189  -14.265 -14.991 1.00 22.10 ? 82  VAL I CA 1 
ATOM 303 C CA . ASP B 2 80  ? 14.742  -16.672 -16.442 1.00 21.46 ? 83  ASP I CA 1 
ATOM 304 C CA . GLY B 2 81  ? 15.759  -16.994 -20.107 1.00 22.26 ? 84  GLY I CA 1 
ATOM 305 C CA . VAL B 2 82  ? 18.075  -15.695 -22.804 1.00 18.97 ? 85  VAL I CA 1 
ATOM 306 C CA . TRP B 2 83  ? 17.908  -12.357 -24.598 1.00 19.89 ? 86  TRP I CA 1 
ATOM 307 C CA . GLN B 2 84  ? 20.089  -11.545 -27.644 1.00 21.00 ? 87  GLN I CA 1 
ATOM 308 C CA . GLY B 2 85  ? 22.653  -14.137 -26.678 1.00 19.34 ? 88  GLY I CA 1 
ATOM 309 C CA . LYS B 2 86  ? 23.163  -13.315 -22.996 1.00 19.93 ? 89  LYS I CA 1 
ATOM 310 C CA . ARG B 2 87  ? 21.542  -15.358 -20.276 1.00 21.80 ? 90  ARG I CA 1 
ATOM 311 C CA . VAL B 2 88  ? 18.991  -13.254 -18.236 1.00 20.03 ? 91  VAL I CA 1 
ATOM 312 C CA . SER B 2 89  ? 17.583  -13.877 -14.767 1.00 18.25 ? 92  SER I CA 1 
ATOM 313 C CA . TYR B 2 90  ? 15.950  -11.335 -12.477 1.00 17.68 ? 93  TYR I CA 1 
ATOM 314 C CA . GLU B 2 91  ? 14.349  -12.015 -9.117  1.00 14.89 ? 94  GLU I CA 1 
ATOM 315 C CA . ARG B 2 92  ? 12.032  -9.331  -7.801  1.00 21.87 ? 95  ARG I CA 1 
ATOM 316 C CA . VAL B 2 93  ? 9.754   -8.821  -4.790  1.00 29.41 ? 96  VAL I CA 1 
ATOM 317 C CA . PHE B 2 94  ? 7.313   -5.968  -4.849  1.00 28.38 ? 97  PHE I CA 1 
ATOM 318 C CA . SER B 2 95  ? 4.717   -4.228  -2.902  1.00 26.13 ? 98  SER I CA 1 
ATOM 319 C CA . ASN B 2 96  ? 1.299   -5.542  -4.195  1.00 22.32 ? 99  ASN I CA 1 
ATOM 320 C CA . GLU B 2 97  ? 0.749   -7.201  -7.620  1.00 25.39 ? 100 GLU I CA 1 
ATOM 321 C CA . CYS B 2 98  ? -0.372  -3.795  -9.032  1.00 24.85 ? 101 CYS I CA 1 
ATOM 322 C CA . GLU B 2 99  ? 2.983   -2.074  -8.329  1.00 25.25 ? 102 GLU I CA 1 
ATOM 323 C CA . MET B 2 100 ? 4.678   -4.937  -10.176 1.00 20.42 ? 103 MET I CA 1 
ATOM 324 C CA . ASN B 2 101 ? 1.987   -4.235  -12.929 1.00 21.69 ? 104 ASN I CA 1 
ATOM 325 C CA . ALA B 2 102 ? 2.710   -0.614  -12.913 1.00 23.43 ? 105 ALA I CA 1 
ATOM 326 C CA . HIS B 2 103 ? 6.288   -0.759  -13.651 1.00 21.50 ? 106 HIS I CA 1 
ATOM 327 C CA . GLY B 2 104 ? 7.194   -2.308  -16.846 1.00 25.80 ? 107 GLY I CA 1 
ATOM 328 C CA . SER B 2 105 ? 4.602   -0.530  -19.173 1.00 24.63 ? 108 SER I CA 1 
ATOM 329 C CA . SER B 2 106 ? 3.530   -4.084  -20.125 1.00 16.53 ? 109 SER I CA 1 
ATOM 330 C CA . VAL B 2 107 ? 5.993   -7.096  -19.832 1.00 17.05 ? 110 VAL I CA 1 
ATOM 331 C CA . PHE B 2 108 ? 4.249   -7.789  -16.568 1.00 24.31 ? 111 PHE I CA 1 
ATOM 332 C CA . ALA B 2 109 ? 0.514   -8.355  -17.095 1.00 23.39 ? 112 ALA I CA 1 
ATOM 333 C CA . PHE B 2 110 ? 0.019   -11.975 -16.699 1.00 17.81 ? 113 PHE I CA 1 
# 
